data_7C9T
#
_entry.id   7C9T
#
loop_
_entity.id
_entity.type
_entity.pdbx_description
1 polymer VP1
2 polymer VP2
3 polymer VP3
#
loop_
_entity_poly.entity_id
_entity_poly.type
_entity_poly.pdbx_seq_one_letter_code
_entity_poly.pdbx_strand_id
1 'polypeptide(L)'
;NDPESALNRAVGRVADTVASGPVNTEQIPALTAVETGHTSQVVPSDTMQTRHVINYHTRSESSIENFMGRAACVYIAQYA
TEKVNDELDRYTNWEITTRQVAQLRRKLEMFTYMRFDLEITFVITSSQRTSTTYASDSPPLTHQVMYVPPGGPIPKSYED
FAWQTSTNPSVFWTEGNAPPRMSIPFMSVGNAYCNFYDGWSHFSQSGVYGYTTLNNMGHLYFRHVNKSTAYPVNSVARVY
FKPKHVKAWVPRAPRLCPYLKARNVNFNVQGVTESRNKITLDRSTHNPLANT
;
A
2 'polypeptide(L)'
;SPTVEECGYSDRVRSITLGNSTITTQECANVVVGYGVWPTYLSDHEATAVDQPTQPDVATCRFYTLESVKWESSSAGWWW
KFPEALSDMGLFGQNMQYHYLGRTGYTIHVQCNASKFHQGCLLVVCVPEAEMGAATTDHAFNHTKLSNIGQAMEFSAKKS
TDQTGPQTAVHNAGMGVAVGNLTIFPHQWINLRTNNSATIVMPYINSVPMDNMYRHYNFTLMVIPFAKLEHSPQASTYVP
ITVTVAPMCAEYNGLRLAGHQ
;
B
3 'polypeptide(L)'
;GLPTMNTPGSTQFLTSDDFQSPSAMPQFDVTPEIQIPGQVRNLMEIAEVDSVVPVNNTEGHVNSMEAYRIPVRPQTSSGE
QVFGFQLQPGHDSVLKHTLLGEILNYYANWSGSMKLTFMYCGAAMATGKFLIAYSPPGAGVPGSRRDAMLGTHVIWDVGL
QSSCVLCVPWISQTNYRYVTSDAYTDAGYITCWYQTSIVTPPDIPTTSTILCFVSACNDFSVRLLRDTPFITQQALFQ
;
C
#
# COMPACT_ATOMS: atom_id res chain seq x y z
N PRO A 44 14.61 0.11 -36.03
CA PRO A 44 13.17 -0.11 -36.13
C PRO A 44 12.50 -0.11 -34.76
N SER A 45 13.23 0.35 -33.75
CA SER A 45 12.77 0.30 -32.37
C SER A 45 13.50 1.37 -31.58
N ASP A 46 12.83 1.98 -30.60
CA ASP A 46 11.42 1.77 -30.24
C ASP A 46 10.73 3.09 -29.93
N THR A 47 9.43 3.19 -30.25
CA THR A 47 8.66 4.40 -30.03
C THR A 47 7.33 4.07 -29.37
N MET A 48 6.93 4.93 -28.43
CA MET A 48 5.58 4.92 -27.90
C MET A 48 4.79 6.03 -28.58
N GLN A 49 3.54 5.73 -28.93
CA GLN A 49 2.74 6.62 -29.77
C GLN A 49 1.36 6.83 -29.17
N THR A 50 0.69 7.89 -29.63
CA THR A 50 -0.61 8.26 -29.09
C THR A 50 -1.71 7.33 -29.62
N ARG A 51 -1.86 7.26 -30.95
CA ARG A 51 -2.66 6.25 -31.64
C ARG A 51 -4.13 6.23 -31.26
N HIS A 52 -4.90 7.21 -31.77
CA HIS A 52 -6.33 7.43 -31.55
C HIS A 52 -7.16 6.15 -31.47
N VAL A 53 -8.02 6.09 -30.45
CA VAL A 53 -8.77 4.91 -30.06
C VAL A 53 -10.26 5.26 -30.06
N ILE A 54 -11.09 4.36 -30.61
CA ILE A 54 -12.53 4.55 -30.55
C ILE A 54 -13.02 4.39 -29.12
N ASN A 55 -14.18 4.99 -28.83
CA ASN A 55 -14.69 5.02 -27.46
C ASN A 55 -15.32 3.69 -27.09
N TYR A 56 -14.57 2.86 -26.34
CA TYR A 56 -15.16 1.61 -25.87
C TYR A 56 -14.90 1.37 -24.37
N HIS A 57 -13.81 1.91 -23.84
CA HIS A 57 -13.53 2.04 -22.40
C HIS A 57 -13.54 0.69 -21.67
N THR A 58 -12.54 -0.14 -21.99
CA THR A 58 -12.40 -1.41 -21.31
C THR A 58 -11.89 -1.22 -19.88
N ARG A 59 -12.44 -2.01 -18.96
CA ARG A 59 -11.92 -1.98 -17.59
C ARG A 59 -11.88 -3.37 -16.96
N SER A 60 -12.17 -4.44 -17.72
CA SER A 60 -12.27 -5.77 -17.14
C SER A 60 -10.93 -6.35 -16.74
N GLU A 61 -9.83 -5.89 -17.34
CA GLU A 61 -8.50 -6.36 -16.99
C GLU A 61 -7.94 -5.68 -15.75
N SER A 62 -8.69 -4.76 -15.15
CA SER A 62 -8.27 -4.06 -13.95
C SER A 62 -9.06 -4.48 -12.73
N SER A 63 -9.93 -5.47 -12.85
CA SER A 63 -10.63 -6.02 -11.70
C SER A 63 -9.67 -6.82 -10.84
N ILE A 64 -10.07 -7.07 -9.59
CA ILE A 64 -9.24 -7.81 -8.65
C ILE A 64 -9.07 -9.26 -9.11
N GLU A 65 -10.09 -9.83 -9.76
CA GLU A 65 -10.01 -11.19 -10.25
C GLU A 65 -9.01 -11.32 -11.40
N ASN A 66 -8.95 -10.32 -12.28
CA ASN A 66 -8.00 -10.36 -13.38
C ASN A 66 -6.63 -9.86 -12.97
N PHE A 67 -6.55 -9.05 -11.91
CA PHE A 67 -5.25 -8.59 -11.43
C PHE A 67 -4.54 -9.68 -10.63
N MET A 68 -5.22 -10.24 -9.64
CA MET A 68 -4.58 -11.23 -8.76
C MET A 68 -4.63 -12.63 -9.31
N GLY A 69 -5.71 -13.01 -9.99
CA GLY A 69 -5.91 -14.37 -10.43
C GLY A 69 -5.08 -14.78 -11.63
N ARG A 70 -3.77 -14.89 -11.44
CA ARG A 70 -2.86 -15.40 -12.45
C ARG A 70 -2.05 -16.54 -11.85
N ALA A 71 -1.80 -17.57 -12.66
CA ALA A 71 -1.04 -18.72 -12.18
C ALA A 71 0.43 -18.34 -12.07
N ALA A 72 0.91 -18.17 -10.84
CA ALA A 72 2.28 -17.77 -10.57
C ALA A 72 3.03 -18.89 -9.89
N CYS A 73 4.30 -19.06 -10.24
CA CYS A 73 5.15 -20.03 -9.58
C CYS A 73 5.61 -19.47 -8.25
N VAL A 74 5.29 -20.17 -7.17
CA VAL A 74 5.56 -19.66 -5.83
C VAL A 74 6.66 -20.41 -5.11
N TYR A 75 6.94 -21.67 -5.47
CA TYR A 75 7.99 -22.44 -4.81
C TYR A 75 8.50 -23.50 -5.76
N ILE A 76 9.78 -23.85 -5.59
CA ILE A 76 10.42 -24.92 -6.34
C ILE A 76 10.97 -25.92 -5.32
N ALA A 77 10.40 -27.12 -5.31
CA ALA A 77 10.74 -28.14 -4.33
C ALA A 77 11.66 -29.17 -4.95
N GLN A 78 12.79 -29.42 -4.30
CA GLN A 78 13.77 -30.39 -4.78
C GLN A 78 13.90 -31.52 -3.78
N TYR A 79 13.74 -32.75 -4.26
CA TYR A 79 13.86 -33.95 -3.42
C TYR A 79 14.39 -35.08 -4.28
N ALA A 80 14.98 -36.09 -3.66
CA ALA A 80 15.56 -37.19 -4.43
C ALA A 80 15.06 -38.57 -4.04
N THR A 81 15.23 -39.52 -4.96
CA THR A 81 14.83 -40.89 -4.74
C THR A 81 15.66 -41.47 -3.59
N GLU A 82 16.93 -41.09 -3.53
CA GLU A 82 17.81 -41.54 -2.46
C GLU A 82 18.45 -40.30 -1.84
N LYS A 83 18.87 -40.41 -0.59
CA LYS A 83 19.46 -39.25 0.08
C LYS A 83 20.93 -39.01 -0.19
N VAL A 84 21.21 -37.79 -0.62
CA VAL A 84 22.56 -37.31 -0.89
C VAL A 84 23.16 -36.54 0.27
N ASN A 85 22.34 -35.67 0.85
CA ASN A 85 22.77 -34.82 1.96
C ASN A 85 21.56 -34.31 2.73
N ASP A 86 21.84 -33.57 3.80
CA ASP A 86 20.79 -33.04 4.64
C ASP A 86 19.89 -32.12 3.81
N GLU A 87 20.48 -31.35 2.91
CA GLU A 87 19.72 -30.44 2.06
C GLU A 87 18.76 -31.19 1.15
N LEU A 88 19.34 -32.16 0.44
CA LEU A 88 18.60 -32.97 -0.53
C LEU A 88 18.42 -34.30 0.14
N ASP A 89 17.16 -34.60 0.40
CA ASP A 89 16.74 -35.78 1.12
C ASP A 89 15.51 -36.36 0.47
N ARG A 90 15.15 -37.58 0.84
CA ARG A 90 14.02 -38.25 0.26
C ARG A 90 12.79 -37.36 0.29
N TYR A 91 12.73 -36.37 1.17
CA TYR A 91 11.50 -35.60 1.18
C TYR A 91 11.80 -34.13 1.42
N THR A 92 10.86 -33.29 1.06
CA THR A 92 11.02 -31.85 1.23
C THR A 92 9.70 -31.25 1.69
N ASN A 93 9.76 -30.00 2.13
CA ASN A 93 8.60 -29.34 2.71
C ASN A 93 8.58 -27.87 2.31
N TRP A 94 7.42 -27.26 2.52
CA TRP A 94 7.24 -25.82 2.31
C TRP A 94 6.05 -25.36 3.13
N GLU A 95 6.26 -24.39 4.02
CA GLU A 95 5.14 -23.71 4.63
C GLU A 95 4.54 -22.75 3.62
N ILE A 96 3.22 -22.82 3.44
CA ILE A 96 2.54 -22.04 2.43
C ILE A 96 2.55 -20.57 2.86
N THR A 97 3.37 -19.77 2.19
CA THR A 97 3.40 -18.34 2.40
C THR A 97 3.27 -17.66 1.05
N THR A 98 2.92 -16.38 1.07
CA THR A 98 2.77 -15.59 -0.13
C THR A 98 3.69 -14.39 -0.11
N ARG A 99 4.86 -14.54 0.51
CA ARG A 99 5.80 -13.45 0.72
C ARG A 99 7.20 -13.79 0.22
N GLN A 100 7.34 -14.80 -0.63
CA GLN A 100 8.65 -15.21 -1.11
C GLN A 100 8.91 -14.86 -2.56
N VAL A 101 7.86 -14.77 -3.38
CA VAL A 101 7.98 -14.27 -4.75
C VAL A 101 7.57 -12.81 -4.73
N ALA A 102 8.49 -11.93 -5.15
CA ALA A 102 8.31 -10.50 -4.92
C ALA A 102 7.29 -9.90 -5.87
N GLN A 103 7.19 -10.42 -7.09
CA GLN A 103 6.21 -9.92 -8.04
C GLN A 103 4.79 -10.24 -7.62
N LEU A 104 4.59 -11.38 -6.95
CA LEU A 104 3.28 -11.69 -6.38
C LEU A 104 3.07 -10.92 -5.09
N ARG A 105 4.13 -10.75 -4.29
CA ARG A 105 4.02 -10.11 -2.99
C ARG A 105 3.64 -8.64 -3.12
N ARG A 106 4.16 -7.96 -4.15
CA ARG A 106 3.83 -6.56 -4.29
C ARG A 106 2.41 -6.37 -4.82
N LYS A 107 1.92 -7.27 -5.67
CA LYS A 107 0.53 -7.21 -6.10
C LYS A 107 -0.42 -7.55 -4.96
N LEU A 108 0.02 -8.39 -4.03
CA LEU A 108 -0.80 -8.71 -2.86
C LEU A 108 -0.83 -7.56 -1.87
N GLU A 109 0.33 -6.97 -1.58
CA GLU A 109 0.48 -5.97 -0.53
C GLU A 109 -0.01 -4.59 -0.94
N MET A 110 -0.74 -4.46 -2.04
CA MET A 110 -1.45 -3.23 -2.37
C MET A 110 -2.76 -3.10 -1.60
N PHE A 111 -3.16 -4.13 -0.86
CA PHE A 111 -4.38 -4.13 -0.08
C PHE A 111 -4.06 -4.66 1.31
N THR A 112 -4.77 -4.14 2.31
CA THR A 112 -4.50 -4.55 3.68
C THR A 112 -5.09 -5.92 3.98
N TYR A 113 -6.28 -6.22 3.47
CA TYR A 113 -6.99 -7.44 3.79
C TYR A 113 -7.43 -8.13 2.51
N MET A 114 -6.97 -9.36 2.33
CA MET A 114 -7.35 -10.18 1.18
C MET A 114 -8.10 -11.42 1.65
N ARG A 115 -8.79 -12.04 0.71
CA ARG A 115 -9.58 -13.24 0.99
C ARG A 115 -9.77 -13.98 -0.33
N PHE A 116 -9.15 -15.15 -0.46
CA PHE A 116 -9.22 -15.88 -1.72
C PHE A 116 -9.17 -17.38 -1.46
N ASP A 117 -9.51 -18.14 -2.49
CA ASP A 117 -9.30 -19.57 -2.53
C ASP A 117 -8.05 -19.87 -3.35
N LEU A 118 -7.37 -20.95 -3.01
CA LEU A 118 -6.11 -21.31 -3.66
C LEU A 118 -6.31 -22.50 -4.59
N GLU A 119 -5.74 -22.40 -5.78
CA GLU A 119 -5.72 -23.50 -6.73
C GLU A 119 -4.24 -23.84 -6.97
N ILE A 120 -3.79 -24.93 -6.39
CA ILE A 120 -2.40 -25.34 -6.47
C ILE A 120 -2.28 -26.44 -7.51
N THR A 121 -1.25 -26.35 -8.35
CA THR A 121 -0.96 -27.34 -9.37
C THR A 121 0.55 -27.52 -9.47
N PHE A 122 0.96 -28.75 -9.75
CA PHE A 122 2.35 -29.16 -9.59
C PHE A 122 2.91 -29.66 -10.90
N VAL A 123 4.05 -29.12 -11.30
CA VAL A 123 4.78 -29.57 -12.48
C VAL A 123 6.00 -30.32 -11.97
N ILE A 124 5.90 -31.64 -11.90
CA ILE A 124 6.93 -32.49 -11.31
C ILE A 124 7.70 -33.18 -12.43
N THR A 125 8.99 -32.90 -12.51
CA THR A 125 9.89 -33.54 -13.46
C THR A 125 10.98 -34.27 -12.70
N SER A 126 11.58 -35.27 -13.35
CA SER A 126 12.62 -36.07 -12.72
C SER A 126 13.79 -36.22 -13.68
N SER A 127 14.98 -36.35 -13.09
CA SER A 127 16.19 -36.61 -13.86
C SER A 127 17.15 -37.42 -12.99
N GLN A 128 18.03 -38.16 -13.66
CA GLN A 128 18.99 -39.00 -12.96
C GLN A 128 20.23 -38.20 -12.57
N ARG A 129 20.88 -38.63 -11.50
CA ARG A 129 22.15 -38.02 -11.10
C ARG A 129 23.26 -38.44 -12.05
N THR A 130 24.39 -37.74 -11.96
CA THR A 130 25.55 -38.05 -12.79
C THR A 130 26.23 -39.29 -12.23
N SER A 131 25.72 -40.44 -12.63
CA SER A 131 26.29 -41.73 -12.27
C SER A 131 27.28 -42.18 -13.33
N THR A 132 27.92 -43.33 -13.09
CA THR A 132 28.78 -43.91 -14.12
C THR A 132 27.96 -44.59 -15.20
N THR A 133 27.04 -45.47 -14.80
CA THR A 133 26.10 -46.09 -15.73
C THR A 133 24.68 -45.72 -15.35
N TYR A 134 23.80 -45.69 -16.36
CA TYR A 134 22.40 -45.35 -16.16
C TYR A 134 21.47 -46.45 -16.67
N ALA A 135 22.02 -47.59 -17.08
CA ALA A 135 21.23 -48.64 -17.70
C ALA A 135 20.39 -49.33 -16.64
N SER A 136 19.08 -49.14 -16.71
CA SER A 136 18.16 -49.72 -15.74
C SER A 136 16.83 -49.97 -16.43
N ASP A 137 15.90 -50.57 -15.69
CA ASP A 137 14.53 -50.82 -16.14
C ASP A 137 13.63 -50.39 -14.99
N SER A 138 13.29 -49.12 -14.97
CA SER A 138 12.59 -48.68 -13.79
C SER A 138 11.09 -48.71 -13.99
N PRO A 139 10.35 -49.06 -12.93
CA PRO A 139 8.90 -48.83 -12.92
C PRO A 139 8.60 -47.35 -12.88
N PRO A 140 7.36 -46.94 -13.21
CA PRO A 140 7.01 -45.51 -13.13
C PRO A 140 7.03 -44.99 -11.71
N LEU A 141 7.65 -43.82 -11.53
CA LEU A 141 7.74 -43.19 -10.22
C LEU A 141 6.39 -42.62 -9.82
N THR A 142 5.99 -42.87 -8.58
CA THR A 142 4.80 -42.29 -7.98
C THR A 142 5.23 -41.27 -6.94
N HIS A 143 4.66 -40.07 -7.02
CA HIS A 143 4.97 -39.00 -6.09
C HIS A 143 3.80 -38.79 -5.14
N GLN A 144 4.10 -38.37 -3.92
CA GLN A 144 3.07 -38.02 -2.94
C GLN A 144 3.26 -36.57 -2.52
N VAL A 145 2.26 -35.74 -2.82
CA VAL A 145 2.23 -34.37 -2.34
C VAL A 145 1.17 -34.31 -1.25
N MET A 146 1.60 -34.06 -0.01
CA MET A 146 0.70 -34.00 1.12
C MET A 146 0.48 -32.56 1.56
N TYR A 147 -0.78 -32.17 1.70
CA TYR A 147 -1.14 -30.90 2.29
C TYR A 147 -1.43 -31.12 3.77
N VAL A 148 -0.72 -30.40 4.63
CA VAL A 148 -0.90 -30.51 6.07
C VAL A 148 -1.67 -29.27 6.53
N PRO A 149 -2.87 -29.43 7.08
CA PRO A 149 -3.64 -28.27 7.52
C PRO A 149 -3.07 -27.66 8.79
N PRO A 150 -3.45 -26.43 9.14
CA PRO A 150 -3.13 -25.91 10.47
C PRO A 150 -3.80 -26.73 11.56
N GLY A 151 -2.98 -27.34 12.41
CA GLY A 151 -3.43 -28.29 13.40
C GLY A 151 -3.03 -29.72 13.11
N GLY A 152 -2.55 -30.02 11.90
CA GLY A 152 -2.17 -31.36 11.54
C GLY A 152 -0.72 -31.65 11.82
N PRO A 153 -0.37 -32.94 11.91
CA PRO A 153 1.02 -33.30 12.24
C PRO A 153 1.92 -33.31 11.02
N ILE A 154 3.11 -32.75 11.20
CA ILE A 154 4.07 -32.65 10.10
C ILE A 154 5.06 -33.80 10.19
N PRO A 155 5.54 -34.32 9.06
CA PRO A 155 6.61 -35.32 9.11
C PRO A 155 7.95 -34.69 9.50
N LYS A 156 8.71 -35.45 10.28
CA LYS A 156 10.05 -35.04 10.65
C LYS A 156 11.12 -35.93 10.04
N SER A 157 10.73 -36.97 9.32
CA SER A 157 11.68 -37.82 8.59
C SER A 157 10.92 -38.57 7.51
N TYR A 158 11.65 -39.35 6.72
CA TYR A 158 11.02 -40.37 5.90
C TYR A 158 10.54 -41.51 6.81
N GLU A 159 9.58 -42.28 6.29
CA GLU A 159 8.86 -43.35 6.98
C GLU A 159 8.12 -42.84 8.22
N ASP A 160 7.82 -41.55 8.29
CA ASP A 160 7.11 -40.99 9.43
C ASP A 160 5.64 -41.39 9.38
N PHE A 161 4.99 -41.35 10.55
CA PHE A 161 3.58 -41.71 10.63
C PHE A 161 2.68 -40.64 10.05
N ALA A 162 3.18 -39.42 9.84
CA ALA A 162 2.35 -38.32 9.37
C ALA A 162 1.99 -38.42 7.90
N TRP A 163 2.67 -39.28 7.14
CA TRP A 163 2.32 -39.50 5.74
C TRP A 163 1.08 -40.36 5.58
N GLN A 164 0.65 -41.06 6.63
CA GLN A 164 -0.52 -41.93 6.59
C GLN A 164 -1.72 -41.34 7.31
N THR A 165 -1.64 -40.08 7.73
CA THR A 165 -2.73 -39.44 8.46
C THR A 165 -3.90 -39.19 7.52
N SER A 166 -5.09 -39.64 7.92
CA SER A 166 -6.27 -39.53 7.07
C SER A 166 -6.77 -38.09 6.96
N THR A 167 -6.49 -37.26 7.95
CA THR A 167 -6.87 -35.85 7.91
C THR A 167 -5.87 -34.98 7.16
N ASN A 168 -4.77 -35.57 6.70
CA ASN A 168 -3.82 -34.87 5.84
C ASN A 168 -4.09 -35.29 4.39
N PRO A 169 -4.69 -34.43 3.57
CA PRO A 169 -5.00 -34.84 2.19
C PRO A 169 -3.75 -34.93 1.32
N SER A 170 -3.58 -36.08 0.68
CA SER A 170 -2.44 -36.37 -0.17
C SER A 170 -2.89 -36.55 -1.61
N VAL A 171 -1.95 -36.38 -2.53
CA VAL A 171 -2.18 -36.58 -3.95
C VAL A 171 -1.09 -37.52 -4.46
N PHE A 172 -1.51 -38.61 -5.08
CA PHE A 172 -0.60 -39.59 -5.66
C PHE A 172 -0.67 -39.51 -7.17
N TRP A 173 0.48 -39.35 -7.81
CA TRP A 173 0.52 -39.06 -9.24
C TRP A 173 1.73 -39.75 -9.86
N THR A 174 1.51 -40.50 -10.92
CA THR A 174 2.58 -41.18 -11.62
C THR A 174 3.09 -40.31 -12.77
N GLU A 175 4.37 -40.44 -13.07
CA GLU A 175 5.01 -39.58 -14.05
C GLU A 175 4.57 -39.92 -15.46
N GLY A 176 4.34 -38.89 -16.27
CA GLY A 176 3.88 -39.04 -17.62
C GLY A 176 2.43 -38.69 -17.82
N ASN A 177 1.69 -38.44 -16.75
CA ASN A 177 0.27 -38.13 -16.82
C ASN A 177 0.08 -36.62 -16.82
N ALA A 178 -1.18 -36.18 -16.72
CA ALA A 178 -1.48 -34.76 -16.58
C ALA A 178 -0.99 -34.27 -15.22
N PRO A 179 -0.63 -32.99 -15.10
CA PRO A 179 -0.09 -32.47 -13.83
C PRO A 179 -1.15 -32.46 -12.75
N PRO A 180 -0.79 -32.85 -11.52
CA PRO A 180 -1.77 -32.93 -10.45
C PRO A 180 -2.16 -31.56 -9.91
N ARG A 181 -3.36 -31.49 -9.35
CA ARG A 181 -3.94 -30.22 -8.97
C ARG A 181 -4.78 -30.38 -7.71
N MET A 182 -4.52 -29.53 -6.73
CA MET A 182 -5.32 -29.45 -5.50
C MET A 182 -6.07 -28.12 -5.48
N SER A 183 -7.00 -28.02 -4.54
CA SER A 183 -7.76 -26.79 -4.35
C SER A 183 -7.91 -26.55 -2.86
N ILE A 184 -7.39 -25.44 -2.38
CA ILE A 184 -7.44 -25.06 -0.97
C ILE A 184 -8.48 -23.96 -0.81
N PRO A 185 -9.40 -24.06 0.17
CA PRO A 185 -10.34 -22.96 0.40
C PRO A 185 -9.75 -21.86 1.25
N PHE A 186 -10.57 -20.89 1.64
CA PHE A 186 -10.14 -19.85 2.58
C PHE A 186 -9.95 -20.47 3.95
N MET A 187 -8.70 -20.46 4.45
CA MET A 187 -8.31 -21.29 5.57
C MET A 187 -7.95 -20.49 6.82
N SER A 188 -8.29 -19.21 6.86
CA SER A 188 -7.97 -18.39 8.02
C SER A 188 -9.03 -18.53 9.10
N VAL A 189 -8.60 -18.40 10.35
CA VAL A 189 -9.53 -18.41 11.48
C VAL A 189 -10.32 -17.11 11.52
N GLY A 190 -9.67 -15.98 11.21
CA GLY A 190 -10.34 -14.71 11.08
C GLY A 190 -11.11 -14.60 9.79
N ASN A 191 -11.63 -13.40 9.53
CA ASN A 191 -12.51 -13.19 8.39
C ASN A 191 -11.76 -12.84 7.11
N ALA A 192 -10.47 -12.47 7.21
CA ALA A 192 -9.67 -12.17 6.03
C ALA A 192 -8.21 -12.37 6.39
N TYR A 193 -7.41 -12.66 5.37
CA TYR A 193 -5.97 -12.62 5.52
C TYR A 193 -5.53 -11.17 5.71
N CYS A 194 -4.42 -10.97 6.40
CA CYS A 194 -3.87 -9.64 6.60
C CYS A 194 -2.43 -9.60 6.10
N ASN A 195 -2.20 -8.77 5.08
CA ASN A 195 -0.86 -8.62 4.54
C ASN A 195 0.01 -7.79 5.47
N PHE A 196 -0.59 -6.95 6.29
CA PHE A 196 0.13 -6.11 7.24
C PHE A 196 -0.49 -6.25 8.61
N TYR A 197 0.35 -6.37 9.63
CA TYR A 197 -0.09 -6.53 11.01
C TYR A 197 0.74 -5.59 11.87
N ASP A 198 0.17 -4.45 12.23
CA ASP A 198 0.83 -3.50 13.12
C ASP A 198 0.55 -3.94 14.56
N GLY A 199 1.32 -4.94 14.99
CA GLY A 199 1.08 -5.49 16.31
C GLY A 199 2.15 -6.48 16.69
N TRP A 200 1.95 -7.09 17.85
CA TRP A 200 2.86 -8.07 18.43
C TRP A 200 2.16 -9.41 18.54
N SER A 201 2.92 -10.44 18.93
CA SER A 201 2.38 -11.79 19.10
C SER A 201 2.53 -12.35 20.52
N HIS A 202 3.09 -11.56 21.44
CA HIS A 202 3.32 -12.02 22.82
C HIS A 202 2.55 -11.23 23.88
N PHE A 203 3.08 -11.20 25.11
CA PHE A 203 2.43 -10.47 26.19
C PHE A 203 2.42 -9.05 25.71
N SER A 204 1.39 -8.29 26.05
CA SER A 204 1.31 -6.96 25.46
C SER A 204 2.72 -6.40 25.29
N GLN A 205 3.01 -5.98 24.07
CA GLN A 205 4.28 -5.39 23.69
C GLN A 205 5.47 -6.36 23.66
N SER A 206 5.22 -7.67 23.73
CA SER A 206 6.36 -8.58 23.68
C SER A 206 6.09 -9.65 22.64
N GLY A 207 7.17 -10.28 22.18
CA GLY A 207 7.06 -11.32 21.17
C GLY A 207 7.77 -10.97 19.89
N VAL A 208 7.10 -11.22 18.75
CA VAL A 208 7.66 -10.92 17.43
C VAL A 208 6.74 -9.90 16.77
N TYR A 209 7.34 -8.80 16.30
CA TYR A 209 6.56 -7.73 15.70
C TYR A 209 6.13 -8.12 14.29
N GLY A 210 4.85 -7.90 13.99
CA GLY A 210 4.34 -8.10 12.66
C GLY A 210 3.88 -9.50 12.35
N TYR A 211 4.13 -10.46 13.23
CA TYR A 211 3.74 -11.84 13.00
C TYR A 211 2.37 -12.12 13.62
N THR A 212 1.54 -12.84 12.89
CA THR A 212 0.23 -13.26 13.36
C THR A 212 -0.03 -14.67 12.88
N THR A 213 -0.82 -15.41 13.66
CA THR A 213 -1.22 -16.76 13.29
C THR A 213 -2.50 -16.77 12.47
N LEU A 214 -2.98 -15.62 12.03
CA LEU A 214 -4.16 -15.52 11.20
C LEU A 214 -3.85 -15.65 9.71
N ASN A 215 -2.62 -16.03 9.37
CA ASN A 215 -2.23 -16.27 7.99
C ASN A 215 -1.70 -17.68 7.79
N ASN A 216 -2.05 -18.61 8.66
CA ASN A 216 -1.65 -20.01 8.52
C ASN A 216 -2.48 -20.64 7.41
N MET A 217 -1.83 -20.98 6.30
CA MET A 217 -2.49 -21.70 5.22
C MET A 217 -2.13 -23.17 5.19
N GLY A 218 -1.09 -23.59 5.89
CA GLY A 218 -0.71 -24.97 5.99
C GLY A 218 0.66 -25.23 5.40
N HIS A 219 1.00 -26.51 5.32
CA HIS A 219 2.29 -26.96 4.80
C HIS A 219 2.06 -27.82 3.56
N LEU A 220 3.15 -28.09 2.85
CA LEU A 220 3.11 -28.84 1.60
C LEU A 220 4.33 -29.75 1.59
N TYR A 221 4.10 -31.06 1.65
CA TYR A 221 5.15 -32.04 1.81
C TYR A 221 5.23 -32.93 0.58
N PHE A 222 6.44 -33.15 0.07
CA PHE A 222 6.68 -33.86 -1.18
C PHE A 222 7.61 -35.04 -0.93
N ARG A 223 7.29 -36.19 -1.53
CA ARG A 223 8.13 -37.38 -1.43
C ARG A 223 7.80 -38.34 -2.56
N HIS A 224 8.68 -39.31 -2.75
CA HIS A 224 8.42 -40.44 -3.65
C HIS A 224 7.75 -41.56 -2.88
N VAL A 225 6.74 -42.18 -3.49
CA VAL A 225 6.09 -43.31 -2.87
C VAL A 225 6.88 -44.59 -3.10
N ASN A 226 7.68 -44.64 -4.17
CA ASN A 226 8.51 -45.81 -4.46
C ASN A 226 9.58 -46.00 -3.41
N LYS A 227 9.96 -47.25 -3.18
CA LYS A 227 10.92 -47.56 -2.12
C LYS A 227 12.34 -47.21 -2.55
N SER A 228 12.72 -47.56 -3.78
CA SER A 228 14.06 -47.30 -4.28
C SER A 228 14.05 -47.36 -5.80
N THR A 229 15.19 -47.04 -6.38
CA THR A 229 15.49 -47.26 -7.80
C THR A 229 16.85 -47.94 -7.88
N ALA A 230 17.24 -48.31 -9.10
CA ALA A 230 18.56 -48.91 -9.29
C ALA A 230 19.65 -47.85 -9.17
N TYR A 231 19.42 -46.67 -9.72
CA TYR A 231 20.31 -45.53 -9.67
C TYR A 231 19.51 -44.31 -9.22
N PRO A 232 20.15 -43.37 -8.53
CA PRO A 232 19.39 -42.26 -7.93
C PRO A 232 18.82 -41.29 -8.96
N VAL A 233 17.68 -40.71 -8.59
CA VAL A 233 16.86 -39.88 -9.48
C VAL A 233 16.46 -38.63 -8.70
N ASN A 234 16.85 -37.46 -9.20
CA ASN A 234 16.47 -36.20 -8.58
C ASN A 234 15.18 -35.66 -9.20
N SER A 235 14.31 -35.12 -8.36
CA SER A 235 13.04 -34.59 -8.82
C SER A 235 12.89 -33.13 -8.42
N VAL A 236 12.21 -32.37 -9.28
CA VAL A 236 11.91 -30.96 -9.06
C VAL A 236 10.40 -30.79 -9.19
N ALA A 237 9.79 -30.15 -8.19
CA ALA A 237 8.33 -29.95 -8.17
C ALA A 237 8.05 -28.45 -8.14
N ARG A 238 7.64 -27.90 -9.28
CA ARG A 238 7.28 -26.49 -9.36
C ARG A 238 5.84 -26.29 -8.91
N VAL A 239 5.67 -25.40 -7.94
CA VAL A 239 4.37 -25.15 -7.31
C VAL A 239 3.78 -23.87 -7.90
N TYR A 240 2.55 -23.97 -8.40
CA TYR A 240 1.87 -22.85 -9.04
C TYR A 240 0.61 -22.49 -8.27
N PHE A 241 0.49 -21.21 -7.89
CA PHE A 241 -0.68 -20.71 -7.19
C PHE A 241 -1.58 -19.91 -8.13
N LYS A 242 -2.88 -20.10 -7.98
CA LYS A 242 -3.87 -19.29 -8.70
C LYS A 242 -4.96 -18.86 -7.72
N PRO A 243 -4.93 -17.62 -7.25
CA PRO A 243 -5.98 -17.15 -6.33
C PRO A 243 -7.31 -16.99 -7.05
N LYS A 244 -8.33 -17.68 -6.55
CA LYS A 244 -9.67 -17.61 -7.09
C LYS A 244 -10.61 -16.93 -6.10
N HIS A 245 -11.59 -16.20 -6.65
CA HIS A 245 -12.62 -15.48 -5.91
C HIS A 245 -12.00 -14.48 -4.93
N VAL A 246 -11.11 -13.64 -5.45
CA VAL A 246 -10.33 -12.72 -4.62
C VAL A 246 -11.20 -11.52 -4.23
N LYS A 247 -11.16 -11.18 -2.95
CA LYS A 247 -11.78 -9.96 -2.43
C LYS A 247 -10.71 -9.19 -1.68
N ALA A 248 -10.74 -7.86 -1.80
CA ALA A 248 -9.72 -7.00 -1.23
C ALA A 248 -10.35 -5.87 -0.45
N TRP A 249 -9.61 -5.37 0.54
CA TRP A 249 -10.06 -4.24 1.36
C TRP A 249 -8.88 -3.34 1.66
N VAL A 250 -9.19 -2.05 1.87
CA VAL A 250 -8.28 -1.02 2.39
C VAL A 250 -7.01 -0.91 1.55
N PRO A 251 -7.07 -0.30 0.36
CA PRO A 251 -5.89 -0.26 -0.51
C PRO A 251 -4.75 0.57 0.06
N ARG A 252 -3.54 0.13 -0.23
CA ARG A 252 -2.32 0.68 0.34
C ARG A 252 -1.40 1.18 -0.75
N ALA A 253 -0.43 1.98 -0.34
CA ALA A 253 0.51 2.56 -1.29
C ALA A 253 1.45 1.47 -1.82
N PRO A 254 1.82 1.52 -3.09
CA PRO A 254 2.76 0.53 -3.63
C PRO A 254 4.14 0.71 -3.02
N ARG A 255 4.87 -0.39 -2.92
CA ARG A 255 6.15 -0.36 -2.24
C ARG A 255 7.23 0.24 -3.13
N LEU A 256 7.99 1.17 -2.56
CA LEU A 256 9.05 1.84 -3.30
C LEU A 256 10.36 1.08 -3.19
N CYS A 257 10.72 0.68 -1.98
CA CYS A 257 11.99 0.04 -1.71
C CYS A 257 11.94 -1.44 -2.12
N PRO A 258 13.09 -2.09 -2.28
CA PRO A 258 13.09 -3.54 -2.48
C PRO A 258 12.85 -4.26 -1.16
N TYR A 259 12.80 -5.58 -1.25
CA TYR A 259 12.54 -6.44 -0.09
C TYR A 259 13.85 -7.02 0.41
N LEU A 260 14.05 -6.99 1.72
CA LEU A 260 15.23 -7.57 2.34
C LEU A 260 14.93 -8.89 3.04
N LYS A 261 13.76 -9.04 3.65
CA LYS A 261 13.36 -10.27 4.30
C LYS A 261 11.94 -10.64 3.88
N ALA A 262 11.63 -11.92 3.98
CA ALA A 262 10.33 -12.44 3.60
C ALA A 262 9.32 -12.43 4.74
N ARG A 263 9.73 -12.00 5.93
CA ARG A 263 8.82 -11.93 7.07
C ARG A 263 8.77 -10.55 7.69
N ASN A 264 9.50 -9.58 7.17
CA ASN A 264 9.52 -8.21 7.66
C ASN A 264 9.13 -7.25 6.54
N VAL A 265 8.85 -6.02 6.94
CA VAL A 265 8.70 -4.91 6.02
C VAL A 265 9.90 -3.98 6.11
N ASN A 266 11.05 -4.50 6.53
CA ASN A 266 12.26 -3.71 6.64
C ASN A 266 12.76 -3.29 5.26
N PHE A 267 13.44 -2.15 5.22
CA PHE A 267 13.85 -1.55 3.97
C PHE A 267 15.07 -0.68 4.19
N ASN A 268 15.83 -0.50 3.11
CA ASN A 268 16.79 0.60 3.04
C ASN A 268 16.07 1.81 2.47
N VAL A 269 16.52 3.01 2.87
CA VAL A 269 15.89 4.22 2.38
C VAL A 269 16.26 4.44 0.92
N GLN A 270 15.36 5.08 0.18
CA GLN A 270 15.50 5.24 -1.25
C GLN A 270 14.91 6.58 -1.66
N GLY A 271 15.32 7.06 -2.82
CA GLY A 271 14.72 8.25 -3.38
C GLY A 271 13.28 7.98 -3.79
N VAL A 272 12.47 9.05 -3.76
CA VAL A 272 11.05 8.90 -4.07
C VAL A 272 10.82 8.62 -5.55
N THR A 273 11.75 9.03 -6.42
CA THR A 273 11.68 8.74 -7.84
C THR A 273 13.09 8.88 -8.41
N GLU A 274 13.20 8.74 -9.72
CA GLU A 274 14.48 8.95 -10.41
C GLU A 274 14.79 10.44 -10.49
N SER A 275 16.05 10.74 -10.80
CA SER A 275 16.55 12.11 -10.83
C SER A 275 16.66 12.61 -12.26
N ARG A 276 16.47 13.91 -12.43
CA ARG A 276 16.77 14.60 -13.68
C ARG A 276 17.69 15.78 -13.39
N ASN A 277 17.99 16.55 -14.44
CA ASN A 277 18.97 17.63 -14.32
C ASN A 277 18.34 18.97 -13.98
N LYS A 278 17.13 19.24 -14.46
CA LYS A 278 16.52 20.54 -14.27
C LYS A 278 15.03 20.37 -14.00
N ILE A 279 14.45 21.34 -13.29
CA ILE A 279 13.02 21.34 -13.06
C ILE A 279 12.25 21.90 -14.26
N THR A 280 12.94 22.54 -15.19
CA THR A 280 12.33 23.19 -16.34
C THR A 280 12.72 22.47 -17.61
N LEU A 281 12.20 22.96 -18.74
CA LEU A 281 12.42 22.35 -20.04
C LEU A 281 13.04 23.36 -21.01
N ASP A 282 13.83 22.82 -21.93
CA ASP A 282 14.52 23.58 -22.96
C ASP A 282 14.04 23.11 -24.34
N ARG A 283 14.77 23.52 -25.38
CA ARG A 283 14.54 23.14 -26.78
C ARG A 283 13.15 23.61 -27.25
N SER A 284 13.06 24.93 -27.35
CA SER A 284 11.91 25.66 -27.90
C SER A 284 11.43 25.13 -29.25
N ARG B 12 -20.92 31.10 12.85
CA ARG B 12 -19.61 30.74 12.31
C ARG B 12 -18.95 29.64 13.13
N VAL B 13 -19.12 29.68 14.44
CA VAL B 13 -18.53 28.68 15.32
C VAL B 13 -19.63 27.82 15.91
N ARG B 14 -19.25 26.64 16.37
CA ARG B 14 -20.17 25.66 16.93
C ARG B 14 -19.49 24.94 18.08
N SER B 15 -20.23 24.78 19.18
CA SER B 15 -19.70 24.16 20.39
C SER B 15 -20.24 22.74 20.53
N ILE B 16 -19.34 21.77 20.60
CA ILE B 16 -19.68 20.36 20.74
C ILE B 16 -19.28 19.90 22.13
N THR B 17 -20.22 19.28 22.85
CA THR B 17 -19.95 18.71 24.16
C THR B 17 -20.19 17.21 24.14
N LEU B 18 -19.27 16.45 24.73
CA LEU B 18 -19.39 15.00 24.91
C LEU B 18 -19.10 14.73 26.37
N GLY B 19 -20.11 14.89 27.22
CA GLY B 19 -19.91 14.74 28.65
C GLY B 19 -19.21 15.94 29.23
N ASN B 20 -17.90 16.01 29.00
CA ASN B 20 -17.00 17.07 29.42
C ASN B 20 -15.66 16.89 28.72
N SER B 21 -15.01 18.00 28.37
CA SER B 21 -15.59 19.33 28.32
C SER B 21 -16.07 19.61 26.91
N THR B 22 -16.37 20.87 26.66
CA THR B 22 -16.78 21.35 25.35
C THR B 22 -15.56 21.80 24.57
N ILE B 23 -15.47 21.39 23.31
CA ILE B 23 -14.54 21.99 22.37
C ILE B 23 -15.35 22.82 21.38
N THR B 24 -14.65 23.68 20.64
CA THR B 24 -15.30 24.51 19.63
C THR B 24 -14.71 24.21 18.26
N THR B 25 -15.52 24.46 17.24
CA THR B 25 -15.14 24.19 15.86
C THR B 25 -15.96 25.11 14.96
N GLN B 26 -15.60 25.12 13.67
CA GLN B 26 -16.29 25.96 12.71
C GLN B 26 -17.57 25.27 12.23
N GLU B 27 -18.32 25.97 11.37
CA GLU B 27 -19.61 25.46 10.90
C GLU B 27 -19.50 24.50 9.72
N CYS B 28 -18.40 24.50 8.98
CA CYS B 28 -18.25 23.57 7.87
C CYS B 28 -17.15 22.55 8.11
N ALA B 29 -15.91 23.01 8.29
CA ALA B 29 -14.77 22.27 8.87
C ALA B 29 -14.27 21.08 8.06
N ASN B 30 -14.96 20.70 6.98
CA ASN B 30 -14.59 19.62 6.05
C ASN B 30 -14.31 18.29 6.75
N VAL B 31 -15.36 17.74 7.36
CA VAL B 31 -15.23 16.42 7.99
C VAL B 31 -15.10 15.35 6.92
N VAL B 32 -14.17 14.41 7.13
CA VAL B 32 -13.92 13.32 6.21
C VAL B 32 -14.17 12.02 6.95
N VAL B 33 -15.25 11.32 6.58
CA VAL B 33 -15.49 10.00 7.11
C VAL B 33 -14.53 9.03 6.41
N GLY B 34 -14.02 8.05 7.15
CA GLY B 34 -12.93 7.16 6.75
C GLY B 34 -13.01 6.50 5.40
N TYR B 35 -13.94 5.58 5.22
CA TYR B 35 -14.18 4.96 3.93
C TYR B 35 -15.64 5.06 3.56
N GLY B 36 -16.26 6.19 3.91
CA GLY B 36 -17.68 6.35 3.77
C GLY B 36 -18.50 5.61 4.79
N VAL B 37 -17.87 5.07 5.83
CA VAL B 37 -18.52 4.22 6.81
C VAL B 37 -18.48 4.91 8.16
N TRP B 38 -19.64 5.26 8.67
CA TRP B 38 -19.72 5.81 10.02
C TRP B 38 -19.47 4.70 11.04
N PRO B 39 -18.78 4.98 12.14
CA PRO B 39 -18.56 3.95 13.16
C PRO B 39 -19.86 3.64 13.90
N THR B 40 -20.11 2.35 14.11
CA THR B 40 -21.35 1.89 14.70
C THR B 40 -21.10 0.60 15.47
N TYR B 41 -22.15 0.04 16.05
CA TYR B 41 -22.06 -1.14 16.88
C TYR B 41 -22.15 -2.40 16.03
N LEU B 42 -22.28 -3.56 16.67
CA LEU B 42 -22.29 -4.85 16.00
C LEU B 42 -23.69 -5.35 15.66
N SER B 43 -24.65 -4.43 15.47
CA SER B 43 -25.99 -4.67 14.92
C SER B 43 -26.86 -5.58 15.78
N ASP B 44 -26.49 -5.79 17.05
CA ASP B 44 -27.33 -6.39 18.09
C ASP B 44 -27.75 -7.84 17.76
N HIS B 45 -26.93 -8.55 16.99
CA HIS B 45 -27.12 -10.00 16.81
C HIS B 45 -26.15 -10.74 17.73
N GLU B 46 -26.45 -10.65 19.02
CA GLU B 46 -25.57 -11.10 20.08
C GLU B 46 -26.17 -12.27 20.86
N ALA B 47 -26.81 -13.20 20.15
CA ALA B 47 -27.60 -14.24 20.78
C ALA B 47 -26.72 -15.37 21.33
N THR B 48 -27.38 -16.29 22.05
CA THR B 48 -26.90 -17.56 22.60
C THR B 48 -25.89 -17.42 23.75
N ALA B 49 -25.46 -16.18 24.03
CA ALA B 49 -24.64 -15.82 25.20
C ALA B 49 -23.32 -16.60 25.25
N VAL B 50 -22.69 -16.79 24.10
CA VAL B 50 -21.39 -17.43 24.05
C VAL B 50 -20.26 -16.44 23.76
N ASP B 51 -20.53 -15.35 23.07
CA ASP B 51 -19.57 -14.32 22.71
C ASP B 51 -20.18 -12.93 22.94
N GLN B 52 -20.74 -12.71 24.12
CA GLN B 52 -21.55 -11.53 24.34
C GLN B 52 -20.68 -10.30 24.57
N PRO B 53 -21.05 -9.14 24.00
CA PRO B 53 -20.25 -7.94 24.17
C PRO B 53 -20.73 -7.05 25.31
N THR B 54 -20.00 -5.97 25.58
CA THR B 54 -20.29 -5.06 26.68
C THR B 54 -19.88 -3.64 26.28
N GLN B 55 -20.79 -2.69 26.49
CA GLN B 55 -20.54 -1.28 26.23
C GLN B 55 -19.71 -0.68 27.37
N PRO B 56 -19.06 0.51 27.16
CA PRO B 56 -18.27 1.12 28.25
C PRO B 56 -19.08 1.50 29.48
N ASP B 57 -20.08 2.34 29.32
CA ASP B 57 -21.10 2.44 30.38
C ASP B 57 -22.56 2.37 29.92
N VAL B 58 -22.99 3.01 28.81
CA VAL B 58 -22.40 4.07 27.96
C VAL B 58 -22.29 5.44 28.68
N ALA B 59 -21.23 6.22 28.44
CA ALA B 59 -20.13 5.92 27.52
C ALA B 59 -18.79 6.40 28.05
N THR B 60 -17.73 6.02 27.35
CA THR B 60 -16.42 6.64 27.45
C THR B 60 -16.22 7.71 26.38
N CYS B 61 -17.30 8.12 25.73
CA CYS B 61 -17.26 9.03 24.58
C CYS B 61 -17.10 10.46 25.07
N ARG B 62 -15.86 10.87 25.26
CA ARG B 62 -15.53 12.25 25.61
C ARG B 62 -14.29 12.66 24.83
N PHE B 63 -14.04 13.96 24.79
CA PHE B 63 -12.88 14.48 24.05
C PHE B 63 -11.63 14.32 24.90
N TYR B 64 -10.66 13.59 24.37
CA TYR B 64 -9.33 13.46 24.98
C TYR B 64 -8.36 14.29 24.17
N THR B 65 -7.80 15.32 24.80
CA THR B 65 -6.85 16.20 24.16
C THR B 65 -5.43 15.79 24.55
N LEU B 66 -4.57 15.62 23.57
CA LEU B 66 -3.19 15.25 23.83
C LEU B 66 -2.32 16.49 23.99
N GLU B 67 -1.06 16.25 24.38
CA GLU B 67 -0.10 17.32 24.51
C GLU B 67 0.28 17.86 23.13
N SER B 68 0.31 19.19 23.01
CA SER B 68 0.53 19.82 21.71
C SER B 68 2.00 19.69 21.30
N VAL B 69 2.21 19.59 20.00
CA VAL B 69 3.55 19.54 19.42
C VAL B 69 3.88 20.91 18.88
N LYS B 70 5.16 21.15 18.63
CA LYS B 70 5.66 22.44 18.15
C LYS B 70 6.20 22.27 16.75
N TRP B 71 5.43 22.72 15.76
CA TRP B 71 5.82 22.62 14.34
C TRP B 71 6.76 23.77 14.03
N GLU B 72 8.06 23.50 14.09
CA GLU B 72 9.05 24.50 13.71
C GLU B 72 9.36 24.38 12.22
N SER B 73 10.32 25.19 11.77
CA SER B 73 10.67 25.24 10.35
C SER B 73 11.43 24.01 9.88
N SER B 74 11.95 23.19 10.79
CA SER B 74 12.67 21.97 10.43
C SER B 74 11.97 20.72 10.95
N SER B 75 10.68 20.80 11.26
CA SER B 75 9.94 19.63 11.72
C SER B 75 9.71 18.67 10.57
N ALA B 76 10.02 17.40 10.79
CA ALA B 76 9.83 16.38 9.76
C ALA B 76 8.45 15.75 9.80
N GLY B 77 7.83 15.68 10.97
CA GLY B 77 6.52 15.07 11.09
C GLY B 77 6.37 14.30 12.38
N TRP B 78 5.16 13.83 12.69
CA TRP B 78 4.90 13.10 13.91
C TRP B 78 3.94 11.95 13.63
N TRP B 79 3.88 11.00 14.56
CA TRP B 79 2.90 9.93 14.45
C TRP B 79 2.44 9.50 15.84
N TRP B 80 1.20 9.00 15.89
CA TRP B 80 0.61 8.40 17.09
C TRP B 80 -0.04 7.08 16.69
N LYS B 81 0.18 6.04 17.48
CA LYS B 81 -0.42 4.74 17.23
C LYS B 81 -1.60 4.52 18.16
N PHE B 82 -2.75 4.17 17.59
CA PHE B 82 -4.00 3.99 18.30
C PHE B 82 -4.38 2.52 18.36
N PRO B 83 -5.02 2.06 19.45
CA PRO B 83 -5.51 2.75 20.65
C PRO B 83 -4.46 2.99 21.73
N GLU B 84 -3.18 2.84 21.39
CA GLU B 84 -2.15 2.88 22.42
C GLU B 84 -1.83 4.30 22.88
N ALA B 85 -2.22 5.32 22.12
CA ALA B 85 -2.01 6.71 22.52
C ALA B 85 -3.07 7.21 23.51
N LEU B 86 -4.02 6.37 23.89
CA LEU B 86 -5.03 6.70 24.89
C LEU B 86 -4.99 5.73 26.05
N SER B 87 -3.79 5.29 26.43
CA SER B 87 -3.65 4.21 27.40
C SER B 87 -3.79 4.71 28.83
N ASP B 88 -3.21 5.86 29.15
CA ASP B 88 -3.47 6.53 30.42
C ASP B 88 -4.48 7.67 30.26
N MET B 89 -5.64 7.37 29.67
CA MET B 89 -6.62 8.40 29.38
C MET B 89 -7.98 7.98 29.94
N GLY B 90 -8.17 8.23 31.25
CA GLY B 90 -9.48 8.16 31.86
C GLY B 90 -10.06 6.76 31.91
N LEU B 91 -11.36 6.68 31.64
CA LEU B 91 -12.08 5.41 31.62
C LEU B 91 -11.74 4.58 30.40
N PHE B 92 -11.42 5.23 29.27
CA PHE B 92 -10.97 4.50 28.09
C PHE B 92 -9.65 3.79 28.34
N GLY B 93 -8.79 4.37 29.15
CA GLY B 93 -7.54 3.72 29.51
C GLY B 93 -7.66 2.66 30.57
N GLN B 94 -8.78 2.61 31.28
CA GLN B 94 -9.01 1.56 32.26
C GLN B 94 -9.75 0.38 31.68
N ASN B 95 -10.62 0.63 30.70
CA ASN B 95 -11.29 -0.46 30.00
C ASN B 95 -10.33 -1.26 29.14
N MET B 96 -9.20 -0.66 28.74
CA MET B 96 -8.17 -1.36 28.00
C MET B 96 -7.43 -2.40 28.85
N GLN B 97 -7.45 -2.28 30.17
CA GLN B 97 -6.82 -3.26 31.04
C GLN B 97 -7.84 -4.10 31.81
N TYR B 98 -9.10 -3.66 31.87
CA TYR B 98 -10.13 -4.48 32.49
C TYR B 98 -10.78 -5.45 31.52
N HIS B 99 -10.63 -5.23 30.22
CA HIS B 99 -11.19 -6.10 29.21
C HIS B 99 -10.09 -6.65 28.32
N TYR B 100 -10.35 -7.81 27.72
CA TYR B 100 -9.39 -8.51 26.89
C TYR B 100 -9.53 -8.20 25.42
N LEU B 101 -10.76 -8.17 24.91
CA LEU B 101 -11.04 -7.84 23.53
C LEU B 101 -11.84 -6.55 23.47
N GLY B 102 -11.59 -5.76 22.44
CA GLY B 102 -12.25 -4.47 22.32
C GLY B 102 -12.26 -3.98 20.89
N ARG B 103 -13.27 -3.18 20.57
CA ARG B 103 -13.37 -2.51 19.29
C ARG B 103 -13.93 -1.11 19.52
N THR B 104 -13.51 -0.17 18.67
CA THR B 104 -13.91 1.23 18.80
C THR B 104 -13.64 1.97 17.50
N GLY B 105 -14.35 3.09 17.33
CA GLY B 105 -14.10 4.04 16.28
C GLY B 105 -13.75 5.39 16.87
N TYR B 106 -13.21 6.27 16.03
CA TYR B 106 -12.62 7.51 16.50
C TYR B 106 -13.06 8.70 15.68
N THR B 107 -13.07 9.86 16.33
CA THR B 107 -13.14 11.16 15.69
C THR B 107 -11.87 11.91 16.08
N ILE B 108 -11.09 12.32 15.08
CA ILE B 108 -9.80 12.97 15.31
C ILE B 108 -9.89 14.40 14.82
N HIS B 109 -9.62 15.35 15.70
CA HIS B 109 -9.49 16.75 15.34
C HIS B 109 -8.03 17.16 15.44
N VAL B 110 -7.51 17.79 14.39
CA VAL B 110 -6.14 18.29 14.38
C VAL B 110 -6.23 19.78 14.04
N GLN B 111 -5.94 20.64 15.01
CA GLN B 111 -5.97 22.08 14.82
C GLN B 111 -4.56 22.64 14.85
N CYS B 112 -4.26 23.53 13.91
CA CYS B 112 -3.00 24.26 13.86
C CYS B 112 -3.28 25.72 14.18
N ASN B 113 -2.71 26.21 15.29
CA ASN B 113 -2.92 27.58 15.73
C ASN B 113 -1.83 28.47 15.14
N ALA B 114 -2.02 28.84 13.89
CA ALA B 114 -1.11 29.71 13.17
C ALA B 114 -1.75 31.07 12.97
N SER B 115 -0.96 32.00 12.43
CA SER B 115 -1.44 33.33 12.11
C SER B 115 -1.57 33.47 10.60
N LYS B 116 -1.92 34.69 10.17
CA LYS B 116 -1.96 35.01 8.75
C LYS B 116 -0.59 35.23 8.16
N PHE B 117 0.45 35.34 8.99
CA PHE B 117 1.81 35.59 8.54
C PHE B 117 2.65 34.34 8.54
N HIS B 118 2.04 33.18 8.77
CA HIS B 118 2.71 31.89 8.72
C HIS B 118 2.24 31.12 7.49
N GLN B 119 3.13 30.36 6.87
CA GLN B 119 2.82 29.61 5.68
C GLN B 119 3.35 28.19 5.80
N GLY B 120 2.74 27.28 5.06
CA GLY B 120 3.08 25.88 5.13
C GLY B 120 1.86 25.03 4.85
N CYS B 121 2.11 23.73 4.69
CA CYS B 121 1.05 22.78 4.42
C CYS B 121 1.31 21.49 5.17
N LEU B 122 0.25 20.89 5.70
CA LEU B 122 0.33 19.65 6.45
C LEU B 122 -0.57 18.60 5.82
N LEU B 123 -0.13 17.34 5.90
CA LEU B 123 -0.95 16.21 5.50
C LEU B 123 -1.25 15.37 6.74
N VAL B 124 -2.53 15.22 7.05
CA VAL B 124 -2.99 14.51 8.24
C VAL B 124 -3.56 13.18 7.77
N VAL B 125 -2.82 12.09 7.97
CA VAL B 125 -3.18 10.80 7.40
C VAL B 125 -3.63 9.89 8.53
N CYS B 126 -4.53 8.95 8.21
CA CYS B 126 -4.87 7.84 9.08
C CYS B 126 -4.57 6.56 8.32
N VAL B 127 -3.50 5.87 8.70
CA VAL B 127 -3.00 4.70 7.99
C VAL B 127 -3.38 3.46 8.77
N PRO B 128 -4.29 2.62 8.27
CA PRO B 128 -4.61 1.37 8.97
C PRO B 128 -3.50 0.34 8.80
N GLU B 129 -3.13 -0.29 9.92
CA GLU B 129 -2.06 -1.30 10.01
C GLU B 129 -0.74 -0.79 9.45
N ALA B 130 -0.29 0.35 9.98
CA ALA B 130 0.96 0.97 9.52
C ALA B 130 2.14 0.21 10.09
N GLU B 131 2.42 -0.95 9.48
CA GLU B 131 3.53 -1.79 9.91
C GLU B 131 4.84 -1.14 9.49
N MET B 132 5.69 -0.82 10.46
CA MET B 132 6.92 -0.07 10.21
C MET B 132 8.10 -1.02 10.14
N GLY B 133 9.15 -0.56 9.47
CA GLY B 133 10.38 -1.31 9.36
C GLY B 133 11.42 -0.82 10.35
N ALA B 134 12.47 -1.62 10.49
CA ALA B 134 13.54 -1.33 11.43
C ALA B 134 14.60 -0.44 10.79
N ALA B 135 15.23 0.38 11.62
CA ALA B 135 16.33 1.21 11.14
C ALA B 135 17.55 0.36 10.84
N THR B 136 18.02 -0.39 11.82
CA THR B 136 19.02 -1.43 11.60
C THR B 136 18.24 -2.68 11.19
N THR B 137 18.24 -2.96 9.89
CA THR B 137 17.60 -4.19 9.42
C THR B 137 18.45 -5.38 9.78
N ASP B 138 17.77 -6.50 10.08
CA ASP B 138 18.10 -7.75 10.79
C ASP B 138 17.95 -7.61 12.30
N HIS B 139 17.57 -6.45 12.81
CA HIS B 139 17.40 -6.23 14.24
C HIS B 139 15.94 -5.95 14.55
N ALA B 140 15.50 -6.39 15.73
CA ALA B 140 14.16 -6.12 16.22
C ALA B 140 14.20 -4.90 17.13
N PHE B 141 13.18 -4.06 17.04
CA PHE B 141 13.18 -2.81 17.78
C PHE B 141 12.36 -2.90 19.06
N ASN B 142 12.59 -1.91 19.92
CA ASN B 142 11.83 -1.77 21.15
C ASN B 142 10.45 -1.22 20.87
N HIS B 143 9.47 -1.63 21.68
CA HIS B 143 8.12 -1.13 21.52
C HIS B 143 7.97 0.32 21.95
N THR B 144 8.87 0.82 22.79
CA THR B 144 8.81 2.22 23.22
C THR B 144 9.37 3.17 22.18
N LYS B 145 10.04 2.66 21.15
CA LYS B 145 10.46 3.47 20.02
C LYS B 145 9.43 3.49 18.91
N LEU B 146 8.32 2.76 19.08
CA LEU B 146 7.18 2.83 18.19
C LEU B 146 6.07 3.70 18.73
N SER B 147 5.76 3.58 20.02
CA SER B 147 4.67 4.32 20.63
C SER B 147 4.89 4.36 22.13
N ASN B 148 4.97 5.57 22.70
CA ASN B 148 4.88 5.73 24.14
C ASN B 148 3.42 5.90 24.54
N ILE B 149 3.21 6.24 25.82
CA ILE B 149 1.89 6.14 26.45
C ILE B 149 0.92 7.18 25.90
N GLY B 150 1.39 8.41 25.68
CA GLY B 150 0.59 9.41 25.00
C GLY B 150 1.45 10.34 24.17
N GLN B 151 2.74 10.03 24.07
CA GLN B 151 3.69 10.92 23.46
C GLN B 151 3.60 10.88 21.95
N ALA B 152 4.03 11.98 21.32
CA ALA B 152 4.10 12.07 19.87
C ALA B 152 5.48 11.62 19.42
N MET B 153 5.53 10.48 18.74
CA MET B 153 6.76 10.01 18.14
C MET B 153 6.97 10.71 16.81
N GLU B 154 8.16 11.25 16.61
CA GLU B 154 8.40 12.12 15.47
C GLU B 154 9.35 11.50 14.46
N PHE B 155 9.13 11.85 13.19
CA PHE B 155 9.98 11.44 12.08
C PHE B 155 11.28 12.22 12.08
N SER B 156 12.15 11.91 11.11
CA SER B 156 13.38 12.65 10.92
C SER B 156 13.57 12.93 9.44
N ALA B 157 14.44 13.89 9.15
CA ALA B 157 14.78 14.22 7.78
C ALA B 157 15.87 13.33 7.22
N LYS B 158 16.83 12.96 8.06
CA LYS B 158 17.87 12.01 7.72
C LYS B 158 17.40 10.60 8.03
N LYS B 159 18.11 9.62 7.47
CA LYS B 159 17.83 8.24 7.79
C LYS B 159 18.31 7.90 9.19
N SER B 160 17.70 6.88 9.78
CA SER B 160 18.02 6.46 11.13
C SER B 160 19.04 5.32 11.10
N THR B 161 19.98 5.37 12.03
CA THR B 161 20.94 4.28 12.25
C THR B 161 20.78 3.71 13.65
N ASP B 162 19.59 3.84 14.23
CA ASP B 162 19.34 3.37 15.57
C ASP B 162 19.24 1.85 15.59
N GLN B 163 19.99 1.21 16.49
CA GLN B 163 20.08 -0.24 16.53
C GLN B 163 18.88 -0.89 17.20
N THR B 164 17.94 -0.12 17.74
CA THR B 164 16.77 -0.67 18.41
C THR B 164 15.51 0.13 18.13
N GLY B 165 15.45 0.81 16.98
CA GLY B 165 14.33 1.66 16.67
C GLY B 165 13.83 1.47 15.25
N PRO B 166 12.84 2.26 14.84
CA PRO B 166 12.34 2.19 13.47
C PRO B 166 13.07 3.14 12.53
N GLN B 167 12.76 3.01 11.25
CA GLN B 167 13.34 3.86 10.22
C GLN B 167 12.49 5.11 10.09
N THR B 168 13.03 6.24 10.55
CA THR B 168 12.25 7.47 10.68
C THR B 168 12.51 8.47 9.56
N ALA B 169 13.05 8.02 8.42
CA ALA B 169 13.17 8.90 7.25
C ALA B 169 11.80 9.20 6.70
N VAL B 170 11.46 10.49 6.61
CA VAL B 170 10.07 10.87 6.38
C VAL B 170 9.67 10.70 4.91
N HIS B 171 10.63 10.74 3.98
CA HIS B 171 10.27 10.56 2.58
C HIS B 171 10.00 9.10 2.22
N ASN B 172 10.20 8.18 3.15
CA ASN B 172 9.74 6.81 3.02
C ASN B 172 8.65 6.45 4.01
N ALA B 173 8.32 7.37 4.92
CA ALA B 173 7.18 7.31 5.85
C ALA B 173 7.25 6.12 6.81
N GLY B 174 8.42 5.52 7.01
CA GLY B 174 8.57 4.40 7.92
C GLY B 174 8.08 3.06 7.40
N MET B 175 7.34 3.03 6.29
CA MET B 175 6.75 1.81 5.78
C MET B 175 7.34 1.35 4.45
N GLY B 176 8.33 2.07 3.91
CA GLY B 176 8.96 1.64 2.69
C GLY B 176 8.27 2.05 1.43
N VAL B 177 7.48 3.12 1.46
CA VAL B 177 6.67 3.55 0.33
C VAL B 177 7.06 4.97 -0.02
N ALA B 178 6.40 5.56 -1.00
CA ALA B 178 6.56 6.97 -1.31
C ALA B 178 5.57 7.78 -0.49
N VAL B 179 6.05 8.83 0.17
CA VAL B 179 5.22 9.60 1.09
C VAL B 179 4.15 10.39 0.36
N GLY B 180 4.35 10.69 -0.93
CA GLY B 180 3.33 11.38 -1.70
C GLY B 180 2.14 10.52 -2.05
N ASN B 181 2.26 9.20 -1.91
CA ASN B 181 1.18 8.28 -2.21
C ASN B 181 0.31 7.97 -1.00
N LEU B 182 0.47 8.70 0.10
CA LEU B 182 -0.31 8.47 1.31
C LEU B 182 -1.64 9.24 1.28
N THR B 183 -2.40 9.09 0.20
CA THR B 183 -3.66 9.80 0.05
C THR B 183 -4.83 8.88 -0.29
N ILE B 184 -4.58 7.60 -0.55
CA ILE B 184 -5.64 6.60 -0.56
C ILE B 184 -6.10 6.26 0.85
N PHE B 185 -5.30 6.54 1.86
CA PHE B 185 -5.76 6.47 3.23
C PHE B 185 -6.63 7.68 3.53
N PRO B 186 -7.48 7.62 4.59
CA PRO B 186 -8.28 8.79 4.96
C PRO B 186 -7.44 9.97 5.40
N HIS B 187 -7.45 11.04 4.59
CA HIS B 187 -6.50 12.13 4.77
C HIS B 187 -7.20 13.48 4.64
N GLN B 188 -6.46 14.52 5.00
CA GLN B 188 -6.94 15.89 4.91
C GLN B 188 -5.72 16.80 4.84
N TRP B 189 -5.77 17.77 3.93
CA TRP B 189 -4.70 18.75 3.82
C TRP B 189 -5.01 19.96 4.68
N ILE B 190 -4.00 20.44 5.40
CA ILE B 190 -4.10 21.68 6.18
C ILE B 190 -3.13 22.66 5.54
N ASN B 191 -3.64 23.49 4.64
CA ASN B 191 -2.88 24.58 4.07
C ASN B 191 -3.20 25.84 4.85
N LEU B 192 -2.18 26.41 5.51
CA LEU B 192 -2.36 27.57 6.37
C LEU B 192 -2.86 28.81 5.63
N ARG B 193 -2.64 28.84 4.31
CA ARG B 193 -3.26 29.86 3.48
C ARG B 193 -4.78 29.72 3.42
N THR B 194 -5.29 28.50 3.58
CA THR B 194 -6.70 28.21 3.40
C THR B 194 -7.37 27.66 4.65
N ASN B 195 -6.78 26.65 5.29
CA ASN B 195 -7.39 25.97 6.44
C ASN B 195 -6.49 26.06 7.65
N ASN B 196 -7.02 25.61 8.78
CA ASN B 196 -6.20 25.33 9.95
C ASN B 196 -6.66 24.09 10.72
N SER B 197 -7.65 23.37 10.23
CA SER B 197 -8.26 22.28 10.98
C SER B 197 -8.49 21.08 10.08
N ALA B 198 -8.75 19.94 10.70
CA ALA B 198 -8.91 18.69 9.99
C ALA B 198 -9.71 17.74 10.87
N THR B 199 -10.84 17.26 10.37
CA THR B 199 -11.66 16.28 11.07
C THR B 199 -11.67 14.99 10.28
N ILE B 200 -11.12 13.92 10.87
CA ILE B 200 -11.15 12.59 10.29
C ILE B 200 -11.92 11.69 11.23
N VAL B 201 -12.93 11.00 10.69
CA VAL B 201 -13.73 10.05 11.46
C VAL B 201 -13.37 8.65 10.97
N MET B 202 -12.67 7.90 11.81
CA MET B 202 -12.19 6.56 11.45
C MET B 202 -13.07 5.50 12.09
N PRO B 203 -13.57 4.53 11.33
CA PRO B 203 -14.29 3.41 11.92
C PRO B 203 -13.32 2.33 12.38
N TYR B 204 -13.87 1.23 12.88
CA TYR B 204 -13.05 0.09 13.29
C TYR B 204 -12.78 -0.78 12.07
N ILE B 205 -11.54 -0.77 11.61
CA ILE B 205 -11.10 -1.59 10.48
C ILE B 205 -10.16 -2.66 11.01
N ASN B 206 -10.54 -3.92 10.86
CA ASN B 206 -9.71 -5.06 11.22
C ASN B 206 -10.20 -6.26 10.44
N SER B 207 -9.45 -7.36 10.52
CA SER B 207 -9.87 -8.61 9.94
C SER B 207 -10.75 -9.43 10.87
N VAL B 208 -10.82 -9.06 12.14
CA VAL B 208 -11.62 -9.74 13.15
C VAL B 208 -12.51 -8.68 13.81
N PRO B 209 -13.69 -9.04 14.34
CA PRO B 209 -14.56 -7.99 14.92
C PRO B 209 -14.05 -7.42 16.22
N MET B 210 -13.20 -8.13 16.96
CA MET B 210 -12.60 -7.61 18.18
C MET B 210 -11.16 -8.10 18.27
N ASP B 211 -10.34 -7.37 19.01
CA ASP B 211 -8.93 -7.70 19.14
C ASP B 211 -8.43 -7.20 20.47
N ASN B 212 -7.21 -7.62 20.83
CA ASN B 212 -6.57 -7.14 22.04
C ASN B 212 -6.02 -5.73 21.80
N MET B 213 -6.32 -4.82 22.71
CA MET B 213 -6.01 -3.42 22.51
C MET B 213 -4.57 -3.07 22.86
N TYR B 214 -3.98 -3.75 23.85
CA TYR B 214 -2.58 -3.55 24.18
C TYR B 214 -1.63 -4.14 23.15
N ARG B 215 -2.09 -5.10 22.35
CA ARG B 215 -1.21 -5.84 21.47
C ARG B 215 -1.21 -5.34 20.03
N HIS B 216 -2.33 -4.84 19.55
CA HIS B 216 -2.51 -4.53 18.13
C HIS B 216 -2.79 -3.04 17.96
N TYR B 217 -1.98 -2.39 17.14
CA TYR B 217 -2.25 -1.02 16.73
C TYR B 217 -3.17 -1.05 15.52
N ASN B 218 -4.37 -0.50 15.67
CA ASN B 218 -5.34 -0.54 14.58
C ASN B 218 -4.95 0.40 13.45
N PHE B 219 -4.67 1.65 13.78
CA PHE B 219 -4.23 2.61 12.78
C PHE B 219 -3.29 3.61 13.42
N THR B 220 -2.46 4.21 12.59
CA THR B 220 -1.51 5.24 12.99
C THR B 220 -1.90 6.56 12.35
N LEU B 221 -2.10 7.59 13.17
CA LEU B 221 -2.33 8.94 12.69
C LEU B 221 -0.99 9.61 12.42
N MET B 222 -0.84 10.17 11.22
CA MET B 222 0.42 10.78 10.80
C MET B 222 0.17 12.22 10.38
N VAL B 223 1.01 13.13 10.86
CA VAL B 223 0.94 14.55 10.52
C VAL B 223 2.29 14.92 9.92
N ILE B 224 2.34 15.05 8.60
CA ILE B 224 3.59 15.25 7.86
C ILE B 224 3.51 16.61 7.17
N PRO B 225 4.48 17.51 7.37
CA PRO B 225 4.49 18.78 6.65
C PRO B 225 5.08 18.61 5.25
N PHE B 226 4.31 18.97 4.23
CA PHE B 226 4.77 18.86 2.85
C PHE B 226 5.37 20.16 2.32
N ALA B 227 4.78 21.29 2.64
CA ALA B 227 5.44 22.58 2.52
C ALA B 227 5.89 22.99 3.91
N LYS B 228 7.17 23.33 4.04
CA LYS B 228 7.73 23.56 5.37
C LYS B 228 7.27 24.90 5.94
N LEU B 229 7.29 24.98 7.26
CA LEU B 229 6.85 26.19 7.93
C LEU B 229 7.86 27.30 7.72
N GLU B 230 7.36 28.46 7.30
CA GLU B 230 8.24 29.55 6.90
C GLU B 230 7.59 30.84 7.34
N HIS B 231 8.39 31.73 7.94
CA HIS B 231 7.84 32.94 8.54
C HIS B 231 8.96 33.97 8.68
N SER B 232 8.56 35.18 9.05
CA SER B 232 9.51 36.19 9.46
C SER B 232 10.15 35.81 10.79
N PRO B 233 11.39 36.24 11.04
CA PRO B 233 12.02 35.95 12.34
C PRO B 233 11.39 36.70 13.52
N GLN B 234 10.56 37.70 13.28
CA GLN B 234 9.89 38.42 14.35
C GLN B 234 8.57 37.77 14.77
N ALA B 235 8.11 36.76 14.05
CA ALA B 235 6.87 36.08 14.39
C ALA B 235 7.16 34.97 15.40
N SER B 236 6.09 34.28 15.80
CA SER B 236 6.25 33.08 16.63
C SER B 236 6.88 31.98 15.79
N THR B 237 7.74 31.19 16.43
CA THR B 237 8.58 30.24 15.72
C THR B 237 8.20 28.79 15.94
N TYR B 238 7.07 28.50 16.60
CA TYR B 238 6.84 27.12 17.00
C TYR B 238 5.49 26.56 16.57
N VAL B 239 4.45 27.39 16.46
CA VAL B 239 3.16 27.09 15.82
C VAL B 239 2.50 25.81 16.32
N PRO B 240 1.83 25.83 17.47
CA PRO B 240 1.39 24.58 18.11
C PRO B 240 0.29 23.87 17.35
N ILE B 241 0.34 22.54 17.39
CA ILE B 241 -0.63 21.66 16.76
C ILE B 241 -1.26 20.81 17.84
N THR B 242 -2.58 20.87 17.96
CA THR B 242 -3.33 20.17 19.00
C THR B 242 -4.15 19.05 18.37
N VAL B 243 -4.00 17.84 18.89
CA VAL B 243 -4.77 16.68 18.44
C VAL B 243 -5.78 16.32 19.53
N THR B 244 -7.06 16.33 19.17
CA THR B 244 -8.15 16.01 20.07
C THR B 244 -8.89 14.79 19.55
N VAL B 245 -8.96 13.74 20.37
CA VAL B 245 -9.49 12.44 19.96
C VAL B 245 -10.68 12.08 20.84
N ALA B 246 -11.80 11.75 20.20
CA ALA B 246 -12.99 11.25 20.91
C ALA B 246 -13.30 9.84 20.46
N PRO B 247 -13.18 8.83 21.32
CA PRO B 247 -13.51 7.46 20.92
C PRO B 247 -15.02 7.26 20.89
N MET B 248 -15.54 6.80 19.75
CA MET B 248 -16.97 6.67 19.56
C MET B 248 -17.34 5.21 19.29
N CYS B 249 -18.45 4.79 19.91
CA CYS B 249 -19.04 3.45 19.75
C CYS B 249 -18.09 2.34 20.16
N ALA B 250 -17.47 2.52 21.33
CA ALA B 250 -16.57 1.51 21.87
C ALA B 250 -17.36 0.31 22.39
N GLU B 251 -16.72 -0.85 22.42
CA GLU B 251 -17.38 -2.10 22.77
C GLU B 251 -16.33 -3.11 23.19
N TYR B 252 -16.61 -3.88 24.24
CA TYR B 252 -15.66 -4.83 24.79
C TYR B 252 -16.39 -6.14 25.08
N ASN B 253 -15.63 -7.14 25.50
CA ASN B 253 -16.20 -8.46 25.73
C ASN B 253 -16.91 -8.53 27.09
N GLY B 254 -17.87 -9.44 27.18
CA GLY B 254 -18.62 -9.57 28.42
C GLY B 254 -17.81 -10.27 29.50
N LEU B 255 -17.92 -9.75 30.72
CA LEU B 255 -17.14 -10.24 31.85
C LEU B 255 -17.97 -11.06 32.83
N ARG B 256 -19.19 -11.43 32.47
CA ARG B 256 -20.02 -12.15 33.43
C ARG B 256 -20.39 -13.53 32.91
N LEU B 257 -21.29 -14.21 33.62
CA LEU B 257 -21.52 -15.63 33.44
C LEU B 257 -22.76 -15.86 32.57
N ALA B 258 -23.05 -17.14 32.32
CA ALA B 258 -24.17 -17.64 31.51
C ALA B 258 -24.23 -17.04 30.12
N GLY C 1 -18.78 -47.58 -22.85
CA GLY C 1 -19.26 -46.31 -22.34
C GLY C 1 -19.51 -45.29 -23.43
N LEU C 2 -19.46 -44.02 -23.05
CA LEU C 2 -19.59 -42.94 -24.02
C LEU C 2 -18.34 -42.88 -24.88
N PRO C 3 -18.46 -43.00 -26.21
CA PRO C 3 -17.26 -42.95 -27.07
C PRO C 3 -16.70 -41.53 -27.13
N THR C 4 -15.44 -41.39 -26.74
CA THR C 4 -14.79 -40.10 -26.67
C THR C 4 -13.51 -40.11 -27.51
N MET C 5 -13.01 -38.91 -27.80
CA MET C 5 -11.75 -38.70 -28.48
C MET C 5 -10.99 -37.61 -27.77
N ASN C 6 -9.68 -37.78 -27.64
CA ASN C 6 -8.84 -36.82 -26.92
C ASN C 6 -8.23 -35.85 -27.93
N THR C 7 -8.72 -34.62 -27.90
CA THR C 7 -8.25 -33.57 -28.80
C THR C 7 -6.85 -33.11 -28.40
N PRO C 8 -6.11 -32.46 -29.31
CA PRO C 8 -4.80 -31.92 -28.93
C PRO C 8 -4.89 -30.85 -27.85
N GLY C 9 -3.88 -30.81 -27.00
CA GLY C 9 -3.96 -30.04 -25.77
C GLY C 9 -4.70 -30.74 -24.65
N SER C 10 -4.48 -32.04 -24.49
CA SER C 10 -5.30 -32.85 -23.58
C SER C 10 -4.68 -32.98 -22.19
N THR C 11 -3.51 -33.59 -22.08
CA THR C 11 -2.84 -33.72 -20.79
C THR C 11 -1.73 -32.68 -20.66
N GLN C 12 -2.16 -31.42 -20.72
CA GLN C 12 -1.25 -30.29 -20.68
C GLN C 12 -1.64 -29.37 -19.53
N PHE C 13 -0.72 -28.50 -19.16
CA PHE C 13 -0.98 -27.45 -18.18
C PHE C 13 -0.73 -26.12 -18.87
N LEU C 14 -1.81 -25.49 -19.32
CA LEU C 14 -1.78 -24.09 -19.71
C LEU C 14 -2.05 -23.24 -18.48
N THR C 15 -1.18 -22.27 -18.22
CA THR C 15 -1.30 -21.46 -17.01
C THR C 15 -2.46 -20.48 -17.06
N SER C 16 -3.12 -20.31 -18.21
CA SER C 16 -4.28 -19.44 -18.33
C SER C 16 -5.58 -20.24 -18.35
N ASP C 17 -5.56 -21.48 -17.91
CA ASP C 17 -6.75 -22.32 -17.92
C ASP C 17 -7.70 -21.93 -16.79
N ASP C 18 -8.97 -22.26 -16.98
CA ASP C 18 -10.03 -21.92 -16.02
C ASP C 18 -10.91 -23.13 -15.76
N PHE C 19 -10.29 -24.27 -15.49
CA PHE C 19 -11.01 -25.51 -15.26
C PHE C 19 -11.40 -25.65 -13.80
N GLN C 20 -12.39 -26.51 -13.54
CA GLN C 20 -12.80 -26.79 -12.18
C GLN C 20 -11.75 -27.65 -11.47
N SER C 21 -11.54 -27.38 -10.20
CA SER C 21 -10.47 -28.06 -9.48
C SER C 21 -11.04 -29.02 -8.44
N PRO C 22 -10.37 -30.14 -8.20
CA PRO C 22 -10.79 -31.03 -7.11
C PRO C 22 -10.41 -30.45 -5.75
N SER C 23 -11.40 -30.32 -4.88
CA SER C 23 -11.19 -29.68 -3.58
C SER C 23 -10.35 -30.58 -2.68
N ALA C 24 -9.17 -30.10 -2.31
CA ALA C 24 -8.31 -30.86 -1.40
C ALA C 24 -8.89 -30.91 0.01
N MET C 25 -9.63 -29.88 0.39
CA MET C 25 -10.28 -29.82 1.70
C MET C 25 -11.78 -29.58 1.52
N PRO C 26 -12.55 -30.63 1.29
CA PRO C 26 -14.00 -30.53 1.50
C PRO C 26 -14.30 -30.74 2.98
N GLN C 27 -15.59 -30.81 3.34
CA GLN C 27 -16.06 -31.04 4.72
C GLN C 27 -15.63 -29.93 5.68
N PHE C 28 -15.27 -28.76 5.16
CA PHE C 28 -14.69 -27.68 5.94
C PHE C 28 -15.55 -26.43 5.77
N ASP C 29 -16.01 -25.87 6.89
CA ASP C 29 -16.80 -24.65 6.88
C ASP C 29 -15.87 -23.45 6.85
N VAL C 30 -15.97 -22.64 5.79
CA VAL C 30 -15.18 -21.44 5.67
C VAL C 30 -15.73 -20.38 6.62
N THR C 31 -14.81 -19.64 7.26
CA THR C 31 -15.20 -18.52 8.11
C THR C 31 -15.94 -17.47 7.29
N PRO C 32 -17.11 -17.02 7.72
CA PRO C 32 -17.87 -16.04 6.94
C PRO C 32 -17.21 -14.67 6.96
N GLU C 33 -17.45 -13.91 5.90
CA GLU C 33 -16.90 -12.57 5.79
C GLU C 33 -17.81 -11.55 6.46
N ILE C 34 -17.19 -10.48 6.95
CA ILE C 34 -17.92 -9.41 7.62
C ILE C 34 -17.83 -8.16 6.76
N GLN C 35 -18.48 -7.09 7.18
CA GLN C 35 -18.37 -5.79 6.51
C GLN C 35 -17.07 -5.14 6.96
N ILE C 36 -16.01 -5.30 6.18
CA ILE C 36 -14.78 -4.54 6.38
C ILE C 36 -14.91 -3.28 5.54
N PRO C 37 -14.62 -2.10 6.08
CA PRO C 37 -14.78 -0.88 5.29
C PRO C 37 -13.67 -0.73 4.26
N GLY C 38 -14.04 -0.18 3.10
CA GLY C 38 -13.07 0.11 2.07
C GLY C 38 -12.82 -1.02 1.10
N GLN C 39 -13.87 -1.70 0.67
CA GLN C 39 -13.73 -2.74 -0.34
C GLN C 39 -13.49 -2.10 -1.70
N VAL C 40 -12.55 -2.66 -2.45
CA VAL C 40 -12.17 -2.17 -3.76
C VAL C 40 -12.24 -3.33 -4.75
N ARG C 41 -12.93 -3.11 -5.87
CA ARG C 41 -13.15 -4.14 -6.87
C ARG C 41 -12.42 -3.89 -8.18
N ASN C 42 -11.66 -2.79 -8.27
CA ASN C 42 -11.00 -2.41 -9.51
C ASN C 42 -9.85 -1.48 -9.17
N LEU C 43 -8.70 -1.69 -9.81
CA LEU C 43 -7.53 -0.88 -9.51
C LEU C 43 -7.58 0.52 -10.11
N MET C 44 -8.59 0.86 -10.90
CA MET C 44 -8.77 2.22 -11.32
C MET C 44 -9.25 3.12 -10.19
N GLU C 45 -9.87 2.55 -9.16
CA GLU C 45 -10.21 3.28 -7.95
C GLU C 45 -8.98 3.75 -7.17
N ILE C 46 -7.87 3.05 -7.31
CA ILE C 46 -6.62 3.51 -6.69
C ILE C 46 -6.00 4.62 -7.53
N ALA C 47 -6.06 4.50 -8.86
CA ALA C 47 -5.52 5.53 -9.73
C ALA C 47 -6.37 6.79 -9.77
N GLU C 48 -7.62 6.72 -9.31
CA GLU C 48 -8.51 7.88 -9.27
C GLU C 48 -8.35 8.70 -8.01
N VAL C 49 -7.22 8.62 -7.33
CA VAL C 49 -6.93 9.38 -6.12
C VAL C 49 -5.73 10.28 -6.39
N ASP C 50 -5.86 11.55 -6.00
CA ASP C 50 -4.77 12.51 -6.16
C ASP C 50 -3.57 12.13 -5.31
N SER C 51 -2.40 12.01 -5.93
CA SER C 51 -1.16 11.81 -5.21
C SER C 51 -0.15 12.87 -5.60
N VAL C 52 0.76 13.15 -4.69
CA VAL C 52 1.66 14.30 -4.82
C VAL C 52 2.78 13.95 -5.79
N VAL C 53 3.05 14.85 -6.72
CA VAL C 53 4.04 14.65 -7.78
C VAL C 53 5.39 15.18 -7.34
N PRO C 54 6.46 14.38 -7.41
CA PRO C 54 7.82 14.89 -7.17
C PRO C 54 8.40 15.61 -8.37
N VAL C 55 8.01 16.88 -8.52
CA VAL C 55 8.45 17.68 -9.65
C VAL C 55 9.90 18.15 -9.49
N ASN C 56 10.32 18.44 -8.26
CA ASN C 56 11.67 18.90 -7.99
C ASN C 56 12.63 17.74 -7.76
N ASN C 57 12.69 16.80 -8.72
CA ASN C 57 13.46 15.58 -8.53
C ASN C 57 14.86 15.74 -9.13
N THR C 58 15.64 16.59 -8.48
CA THR C 58 17.06 16.71 -8.73
C THR C 58 17.81 15.98 -7.63
N GLU C 59 19.14 16.00 -7.71
CA GLU C 59 19.96 15.41 -6.66
C GLU C 59 20.72 16.51 -5.93
N GLY C 60 20.85 16.40 -4.60
CA GLY C 60 20.20 15.37 -3.81
C GLY C 60 18.88 15.79 -3.20
N HIS C 61 17.90 16.07 -4.05
CA HIS C 61 16.56 16.43 -3.61
C HIS C 61 15.59 15.25 -3.62
N VAL C 62 15.96 14.15 -4.26
CA VAL C 62 15.07 12.99 -4.33
C VAL C 62 15.00 12.24 -3.01
N ASN C 63 15.95 12.44 -2.11
CA ASN C 63 15.97 11.79 -0.80
C ASN C 63 15.51 12.72 0.30
N SER C 64 14.54 13.59 -0.01
CA SER C 64 14.02 14.55 0.94
C SER C 64 12.55 14.78 0.62
N MET C 65 11.97 15.75 1.31
CA MET C 65 10.62 16.19 1.02
C MET C 65 10.74 17.31 -0.01
N GLU C 66 11.96 17.80 -0.25
CA GLU C 66 12.20 18.86 -1.22
C GLU C 66 11.91 18.43 -2.65
N ALA C 67 11.76 17.13 -2.92
CA ALA C 67 11.35 16.69 -4.24
C ALA C 67 9.92 17.10 -4.57
N TYR C 68 9.08 17.21 -3.55
CA TYR C 68 7.69 17.57 -3.74
C TYR C 68 7.47 19.07 -3.75
N ARG C 69 8.43 19.85 -3.28
CA ARG C 69 8.30 21.29 -3.15
C ARG C 69 8.82 21.96 -4.41
N ILE C 70 7.93 22.60 -5.16
CA ILE C 70 8.33 23.37 -6.33
C ILE C 70 8.71 24.77 -5.85
N PRO C 71 9.94 25.23 -6.11
CA PRO C 71 10.37 26.51 -5.55
C PRO C 71 9.79 27.69 -6.31
N VAL C 72 9.25 28.65 -5.56
CA VAL C 72 8.79 29.93 -6.09
C VAL C 72 9.67 31.01 -5.49
N ARG C 73 10.46 31.67 -6.31
CA ARG C 73 11.47 32.61 -5.89
C ARG C 73 11.16 34.00 -6.45
N PRO C 74 11.70 35.07 -5.85
CA PRO C 74 11.62 36.38 -6.50
C PRO C 74 12.45 36.40 -7.76
N GLN C 75 11.87 36.98 -8.82
CA GLN C 75 12.44 36.90 -10.15
C GLN C 75 13.08 38.20 -10.56
N THR C 76 14.24 38.10 -11.20
CA THR C 76 14.90 39.25 -11.81
C THR C 76 14.38 39.51 -13.21
N SER C 77 14.32 38.47 -14.04
CA SER C 77 13.84 38.58 -15.40
C SER C 77 12.35 38.26 -15.47
N SER C 78 11.63 38.99 -16.31
CA SER C 78 10.20 38.76 -16.48
C SER C 78 9.94 37.54 -17.35
N GLY C 79 8.89 36.81 -17.01
CA GLY C 79 8.43 35.70 -17.82
C GLY C 79 9.32 34.48 -17.83
N GLU C 80 9.87 34.11 -16.68
CA GLU C 80 10.69 32.90 -16.58
C GLU C 80 9.81 31.70 -16.31
N GLN C 81 10.37 30.52 -16.58
CA GLN C 81 9.65 29.27 -16.37
C GLN C 81 9.77 28.83 -14.92
N VAL C 82 8.65 28.38 -14.35
CA VAL C 82 8.66 27.85 -12.99
C VAL C 82 9.11 26.40 -12.99
N PHE C 83 8.38 25.54 -13.70
CA PHE C 83 8.73 24.13 -13.82
C PHE C 83 8.23 23.61 -15.16
N GLY C 84 8.41 22.31 -15.37
CA GLY C 84 7.97 21.66 -16.58
C GLY C 84 8.30 20.18 -16.64
N PHE C 85 7.38 19.37 -17.17
CA PHE C 85 7.64 17.94 -17.33
C PHE C 85 6.76 17.39 -18.45
N GLN C 86 7.11 16.19 -18.91
CA GLN C 86 6.34 15.52 -19.94
C GLN C 86 5.12 14.84 -19.34
N LEU C 87 4.05 14.76 -20.13
CA LEU C 87 2.76 14.29 -19.67
C LEU C 87 2.56 12.80 -19.91
N GLN C 88 3.62 12.00 -19.90
CA GLN C 88 3.44 10.56 -19.94
C GLN C 88 3.65 10.00 -18.54
N PRO C 89 2.61 9.47 -17.90
CA PRO C 89 2.76 8.98 -16.52
C PRO C 89 3.32 7.58 -16.39
N GLY C 90 3.89 7.01 -17.44
CA GLY C 90 4.46 5.68 -17.34
C GLY C 90 5.95 5.65 -17.60
N HIS C 91 6.50 6.75 -18.11
CA HIS C 91 7.90 6.77 -18.51
C HIS C 91 8.63 7.97 -17.91
N ASP C 92 7.91 9.07 -17.69
CA ASP C 92 8.53 10.28 -17.15
C ASP C 92 8.87 10.08 -15.68
N SER C 93 10.06 10.55 -15.30
CA SER C 93 10.60 10.26 -13.98
C SER C 93 9.86 11.01 -12.87
N VAL C 94 9.11 12.05 -13.18
CA VAL C 94 8.35 12.74 -12.15
C VAL C 94 6.99 12.10 -11.90
N LEU C 95 6.51 11.26 -12.82
CA LEU C 95 5.16 10.72 -12.72
C LEU C 95 5.11 9.20 -12.64
N LYS C 96 6.21 8.50 -12.88
CA LYS C 96 6.16 7.04 -12.98
C LYS C 96 6.11 6.35 -11.63
N HIS C 97 6.43 7.06 -10.55
CA HIS C 97 6.36 6.49 -9.20
C HIS C 97 5.21 7.06 -8.39
N THR C 98 4.29 7.78 -9.04
CA THR C 98 3.09 8.25 -8.37
C THR C 98 2.07 7.13 -8.31
N LEU C 99 0.91 7.41 -7.71
CA LEU C 99 -0.13 6.41 -7.59
C LEU C 99 -0.63 5.97 -8.97
N LEU C 100 -0.86 6.93 -9.85
CA LEU C 100 -1.30 6.62 -11.20
C LEU C 100 -0.23 5.86 -11.96
N GLY C 101 1.01 6.31 -11.80
CA GLY C 101 2.15 5.70 -12.45
C GLY C 101 2.41 4.28 -12.04
N GLU C 102 2.26 3.87 -10.79
CA GLU C 102 2.51 2.43 -10.55
C GLU C 102 1.54 1.49 -11.32
N ILE C 103 0.26 1.83 -11.25
CA ILE C 103 -0.77 1.04 -11.90
C ILE C 103 -0.59 1.05 -13.40
N LEU C 104 -0.23 2.20 -13.96
CA LEU C 104 -0.01 2.31 -15.40
C LEU C 104 1.17 1.44 -15.78
N ASN C 105 2.17 1.39 -14.92
CA ASN C 105 3.36 0.59 -15.16
C ASN C 105 3.02 -0.88 -15.27
N TYR C 106 2.05 -1.32 -14.48
CA TYR C 106 1.66 -2.73 -14.57
C TYR C 106 1.06 -3.24 -15.92
N TYR C 107 0.52 -2.33 -16.73
CA TYR C 107 -0.21 -2.58 -17.97
C TYR C 107 0.57 -2.00 -19.13
N ALA C 108 0.41 -2.63 -20.30
CA ALA C 108 1.21 -2.26 -21.47
C ALA C 108 0.52 -1.19 -22.32
N ASN C 109 -0.80 -1.25 -22.46
CA ASN C 109 -1.54 -0.30 -23.28
C ASN C 109 -2.61 0.36 -22.42
N TRP C 110 -2.59 1.68 -22.36
CA TRP C 110 -3.59 2.43 -21.61
C TRP C 110 -3.95 3.70 -22.36
N SER C 111 -5.17 4.18 -22.13
CA SER C 111 -5.63 5.42 -22.75
C SER C 111 -6.64 6.09 -21.83
N GLY C 112 -6.53 7.40 -21.70
CA GLY C 112 -7.48 8.14 -20.89
C GLY C 112 -7.09 9.59 -20.73
N SER C 113 -7.49 10.17 -19.61
CA SER C 113 -7.27 11.59 -19.34
C SER C 113 -6.69 11.76 -17.95
N MET C 114 -5.68 12.64 -17.83
CA MET C 114 -5.06 12.93 -16.55
C MET C 114 -5.73 14.14 -15.90
N LYS C 115 -5.38 14.40 -14.65
CA LYS C 115 -6.02 15.46 -13.88
C LYS C 115 -4.96 16.06 -12.95
N LEU C 116 -4.41 17.20 -13.36
CA LEU C 116 -3.34 17.85 -12.63
C LEU C 116 -3.90 18.96 -11.74
N THR C 117 -3.52 18.93 -10.47
CA THR C 117 -3.94 19.93 -9.50
C THR C 117 -2.70 20.60 -8.92
N PHE C 118 -2.64 21.92 -9.01
CA PHE C 118 -1.54 22.70 -8.47
C PHE C 118 -2.03 23.50 -7.28
N MET C 119 -1.34 23.37 -6.16
CA MET C 119 -1.74 24.00 -4.90
C MET C 119 -0.65 24.96 -4.44
N TYR C 120 -1.03 26.21 -4.20
CA TYR C 120 -0.09 27.22 -3.73
C TYR C 120 -0.06 27.22 -2.21
N CYS C 121 1.12 27.03 -1.63
CA CYS C 121 1.29 26.91 -0.19
C CYS C 121 2.13 28.06 0.34
N GLY C 122 1.84 29.28 -0.11
CA GLY C 122 2.46 30.47 0.41
C GLY C 122 1.57 31.18 1.43
N ALA C 123 1.94 32.41 1.73
CA ALA C 123 1.19 33.21 2.69
C ALA C 123 -0.15 33.64 2.11
N ALA C 124 -1.06 34.04 2.99
CA ALA C 124 -2.39 34.44 2.57
C ALA C 124 -2.41 35.81 1.91
N MET C 125 -1.36 36.60 2.08
CA MET C 125 -1.27 37.93 1.49
C MET C 125 -0.37 37.98 0.27
N ALA C 126 0.12 36.83 -0.19
CA ALA C 126 0.90 36.78 -1.43
C ALA C 126 -0.03 36.78 -2.63
N THR C 127 0.28 37.60 -3.62
CA THR C 127 -0.56 37.78 -4.79
C THR C 127 0.30 37.68 -6.04
N GLY C 128 -0.11 36.85 -6.99
CA GLY C 128 0.63 36.72 -8.22
C GLY C 128 -0.16 35.95 -9.26
N LYS C 129 0.37 35.96 -10.47
CA LYS C 129 -0.24 35.25 -11.59
C LYS C 129 0.77 34.29 -12.20
N PHE C 130 0.29 33.09 -12.52
CA PHE C 130 1.07 32.07 -13.20
C PHE C 130 0.37 31.71 -14.51
N LEU C 131 1.15 31.25 -15.48
CA LEU C 131 0.60 30.86 -16.77
C LEU C 131 0.96 29.41 -17.00
N ILE C 132 -0.02 28.52 -16.87
CA ILE C 132 0.17 27.08 -16.98
C ILE C 132 -0.18 26.68 -18.42
N ALA C 133 0.84 26.48 -19.24
CA ALA C 133 0.66 26.16 -20.64
C ALA C 133 0.57 24.66 -20.86
N TYR C 134 -0.21 24.27 -21.86
CA TYR C 134 -0.36 22.88 -22.27
C TYR C 134 0.13 22.74 -23.70
N SER C 135 0.95 21.72 -23.95
CA SER C 135 1.41 21.42 -25.29
C SER C 135 0.78 20.13 -25.79
N PRO C 136 0.23 20.12 -27.00
CA PRO C 136 -0.40 18.90 -27.53
C PRO C 136 0.63 17.82 -27.82
N PRO C 137 0.20 16.57 -28.01
CA PRO C 137 1.17 15.47 -28.26
C PRO C 137 2.04 15.61 -29.50
N GLY C 138 1.70 16.47 -30.44
CA GLY C 138 2.58 16.67 -31.57
C GLY C 138 3.86 17.38 -31.19
N ALA C 139 3.74 18.66 -30.85
CA ALA C 139 4.84 19.55 -30.54
C ALA C 139 4.26 20.79 -29.88
N GLY C 140 4.99 21.42 -28.96
CA GLY C 140 6.27 20.98 -28.41
C GLY C 140 6.51 21.90 -27.23
N VAL C 141 7.73 21.92 -26.69
CA VAL C 141 8.03 22.77 -25.54
C VAL C 141 8.13 24.21 -26.02
N PRO C 142 7.34 25.13 -25.47
CA PRO C 142 7.49 26.54 -25.84
C PRO C 142 8.74 27.15 -25.23
N GLY C 143 9.16 28.29 -25.80
CA GLY C 143 10.40 28.89 -25.38
C GLY C 143 10.27 30.18 -24.60
N SER C 144 9.05 30.69 -24.49
CA SER C 144 8.84 31.97 -23.83
C SER C 144 7.42 32.03 -23.30
N ARG C 145 7.17 33.04 -22.47
CA ARG C 145 5.83 33.27 -21.93
C ARG C 145 4.85 33.69 -23.03
N ARG C 146 5.35 34.39 -24.06
CA ARG C 146 4.51 34.78 -25.18
C ARG C 146 4.15 33.59 -26.06
N ASP C 147 5.09 32.67 -26.27
CA ASP C 147 4.79 31.46 -27.02
C ASP C 147 3.87 30.53 -26.24
N ALA C 148 3.95 30.57 -24.91
CA ALA C 148 3.08 29.77 -24.08
C ALA C 148 1.67 30.35 -24.02
N MET C 149 1.57 31.67 -24.05
CA MET C 149 0.26 32.33 -24.04
C MET C 149 -0.48 32.11 -25.34
N LEU C 150 0.23 31.95 -26.44
CA LEU C 150 -0.38 31.77 -27.76
C LEU C 150 -0.83 30.34 -28.03
N GLY C 151 -0.80 29.46 -27.03
CA GLY C 151 -1.36 28.14 -27.15
C GLY C 151 -2.41 27.91 -26.08
N THR C 152 -2.67 26.66 -25.73
CA THR C 152 -3.59 26.36 -24.63
C THR C 152 -2.93 26.70 -23.30
N HIS C 153 -3.59 27.55 -22.52
CA HIS C 153 -3.03 27.98 -21.24
C HIS C 153 -4.15 28.30 -20.27
N VAL C 154 -3.79 28.36 -19.00
CA VAL C 154 -4.68 28.77 -17.92
C VAL C 154 -3.90 29.76 -17.06
N ILE C 155 -4.47 30.95 -16.86
CA ILE C 155 -3.84 31.95 -16.01
C ILE C 155 -4.30 31.71 -14.58
N TRP C 156 -3.38 31.24 -13.74
CA TRP C 156 -3.68 30.94 -12.34
C TRP C 156 -3.33 32.16 -11.50
N ASP C 157 -4.36 32.80 -10.95
CA ASP C 157 -4.16 33.94 -10.06
C ASP C 157 -4.07 33.42 -8.63
N VAL C 158 -2.94 33.69 -7.99
CA VAL C 158 -2.71 33.26 -6.62
C VAL C 158 -3.63 33.99 -5.64
N GLY C 159 -3.83 35.28 -5.84
CA GLY C 159 -4.65 36.08 -4.96
C GLY C 159 -6.13 35.76 -4.98
N LEU C 160 -6.61 35.03 -5.99
CA LEU C 160 -8.01 34.62 -6.07
C LEU C 160 -8.22 33.20 -5.58
N GLN C 161 -7.54 32.24 -6.19
CA GLN C 161 -7.64 30.83 -5.83
C GLN C 161 -6.32 30.33 -5.26
N SER C 162 -6.42 29.39 -4.32
CA SER C 162 -5.26 28.69 -3.82
C SER C 162 -4.92 27.44 -4.63
N SER C 163 -5.88 26.91 -5.37
CA SER C 163 -5.68 25.70 -6.15
C SER C 163 -6.04 25.96 -7.60
N CYS C 164 -5.49 25.12 -8.48
CA CYS C 164 -5.77 25.19 -9.91
C CYS C 164 -5.86 23.78 -10.45
N VAL C 165 -7.04 23.42 -10.99
CA VAL C 165 -7.30 22.08 -11.50
C VAL C 165 -7.51 22.17 -13.00
N LEU C 166 -6.83 21.32 -13.75
CA LEU C 166 -6.99 21.26 -15.20
C LEU C 166 -6.88 19.83 -15.69
N CYS C 167 -7.83 19.41 -16.52
CA CYS C 167 -7.92 18.06 -17.04
C CYS C 167 -7.29 18.01 -18.43
N VAL C 168 -6.42 17.04 -18.64
CA VAL C 168 -5.61 16.93 -19.85
C VAL C 168 -6.06 15.71 -20.64
N PRO C 169 -6.43 15.85 -21.91
CA PRO C 169 -6.80 14.68 -22.71
C PRO C 169 -5.61 14.05 -23.42
N TRP C 170 -5.90 13.02 -24.23
CA TRP C 170 -4.94 12.39 -25.16
C TRP C 170 -3.74 11.78 -24.42
N ILE C 171 -4.00 11.03 -23.37
CA ILE C 171 -2.91 10.34 -22.71
C ILE C 171 -3.10 8.86 -23.00
N SER C 172 -2.28 8.28 -23.88
CA SER C 172 -2.37 6.85 -24.20
C SER C 172 -0.98 6.54 -24.70
N GLN C 173 -0.18 5.73 -24.03
CA GLN C 173 1.17 5.42 -24.53
C GLN C 173 1.26 3.89 -24.53
N THR C 174 1.61 3.27 -25.65
CA THR C 174 1.72 1.81 -25.67
C THR C 174 3.18 1.38 -25.88
N ASN C 175 3.74 0.58 -24.96
CA ASN C 175 5.12 0.14 -25.10
C ASN C 175 5.17 -1.37 -25.31
N TYR C 176 5.93 -1.79 -26.31
CA TYR C 176 6.03 -3.19 -26.68
C TYR C 176 7.27 -3.86 -26.08
N ARG C 177 8.03 -3.15 -25.27
CA ARG C 177 9.19 -3.69 -24.60
C ARG C 177 8.92 -3.77 -23.10
N TYR C 178 9.67 -4.64 -22.42
CA TYR C 178 9.49 -4.80 -20.98
C TYR C 178 10.11 -3.62 -20.23
N VAL C 179 11.42 -3.45 -20.36
CA VAL C 179 12.12 -2.28 -19.84
C VAL C 179 12.61 -1.47 -21.04
N THR C 180 12.53 -0.15 -20.93
CA THR C 180 12.70 0.76 -22.06
C THR C 180 13.97 1.58 -21.90
N SER C 181 14.84 1.54 -22.89
CA SER C 181 16.04 2.38 -22.96
C SER C 181 16.17 2.95 -24.37
N ASP C 182 15.55 4.09 -24.65
CA ASP C 182 14.68 4.80 -23.70
C ASP C 182 13.29 5.06 -24.29
N ALA C 183 13.05 4.55 -25.51
CA ALA C 183 11.73 4.45 -26.13
C ALA C 183 11.06 5.81 -26.30
N TYR C 184 11.56 6.53 -27.32
CA TYR C 184 11.10 7.84 -27.79
C TYR C 184 9.59 7.99 -27.69
N THR C 185 9.14 9.03 -27.01
CA THR C 185 7.72 9.25 -26.78
C THR C 185 7.28 10.58 -27.36
N ASP C 186 6.00 10.64 -27.71
CA ASP C 186 5.41 11.86 -28.24
C ASP C 186 4.28 12.34 -27.35
N ALA C 187 4.51 12.38 -26.05
CA ALA C 187 3.51 12.91 -25.15
C ALA C 187 3.60 14.42 -25.11
N GLY C 188 2.58 15.05 -24.51
CA GLY C 188 2.57 16.49 -24.35
C GLY C 188 3.38 16.94 -23.16
N TYR C 189 3.27 18.23 -22.87
CA TYR C 189 4.00 18.83 -21.77
C TYR C 189 3.07 19.74 -20.98
N ILE C 190 3.49 20.02 -19.75
CA ILE C 190 2.90 21.06 -18.92
C ILE C 190 4.04 21.94 -18.43
N THR C 191 3.95 23.23 -18.70
CA THR C 191 4.94 24.20 -18.24
C THR C 191 4.23 25.34 -17.53
N CYS C 192 4.88 25.89 -16.50
CA CYS C 192 4.35 27.02 -15.76
C CYS C 192 5.30 28.20 -15.88
N TRP C 193 4.74 29.39 -16.02
CA TRP C 193 5.52 30.59 -16.31
C TRP C 193 5.11 31.71 -15.35
N TYR C 194 6.08 32.55 -15.00
CA TYR C 194 5.80 33.71 -14.17
C TYR C 194 5.10 34.76 -15.02
N GLN C 195 3.81 34.97 -14.78
CA GLN C 195 3.11 36.01 -15.53
C GLN C 195 3.49 37.39 -15.02
N THR C 196 3.41 37.62 -13.70
CA THR C 196 3.98 38.86 -13.20
C THR C 196 5.16 38.64 -12.25
N SER C 197 4.85 38.19 -11.02
CA SER C 197 5.76 37.96 -9.90
C SER C 197 4.89 37.58 -8.71
N ILE C 198 5.48 37.23 -7.58
CA ILE C 198 4.73 37.07 -6.33
C ILE C 198 4.98 38.31 -5.48
N VAL C 199 3.92 39.06 -5.20
CA VAL C 199 4.00 40.33 -4.48
C VAL C 199 3.61 40.10 -3.03
N THR C 200 4.46 40.53 -2.11
CA THR C 200 4.27 40.28 -0.69
C THR C 200 4.30 41.58 0.10
N PRO C 201 3.56 41.65 1.21
CA PRO C 201 3.72 42.76 2.16
C PRO C 201 4.97 42.55 3.00
N PRO C 202 5.36 43.52 3.83
CA PRO C 202 6.52 43.31 4.71
C PRO C 202 6.27 42.23 5.76
N ASP C 203 7.37 41.69 6.26
CA ASP C 203 7.42 40.61 7.27
C ASP C 203 6.73 39.35 6.79
N ILE C 204 6.79 39.08 5.50
CA ILE C 204 6.40 37.80 4.90
C ILE C 204 7.55 37.36 4.01
N PRO C 205 8.00 36.10 4.09
CA PRO C 205 9.14 35.67 3.29
C PRO C 205 8.84 35.64 1.80
N THR C 206 9.90 35.81 1.01
CA THR C 206 9.77 35.97 -0.43
C THR C 206 9.68 34.63 -1.16
N THR C 207 10.10 33.54 -0.53
CA THR C 207 10.06 32.22 -1.12
C THR C 207 8.79 31.49 -0.68
N SER C 208 8.27 30.66 -1.57
CA SER C 208 7.09 29.85 -1.28
C SER C 208 7.17 28.56 -2.07
N THR C 209 6.09 27.78 -2.06
CA THR C 209 6.11 26.41 -2.56
C THR C 209 4.79 26.10 -3.26
N ILE C 210 4.88 25.50 -4.44
CA ILE C 210 3.73 24.96 -5.15
C ILE C 210 3.75 23.44 -4.98
N LEU C 211 2.61 22.87 -4.60
CA LEU C 211 2.42 21.43 -4.59
C LEU C 211 1.69 21.00 -5.85
N CYS C 212 1.99 19.80 -6.32
CA CYS C 212 1.37 19.23 -7.51
C CYS C 212 0.66 17.94 -7.16
N PHE C 213 -0.44 17.67 -7.86
CA PHE C 213 -1.21 16.46 -7.65
C PHE C 213 -1.62 15.89 -9.01
N VAL C 214 -1.71 14.57 -9.09
CA VAL C 214 -2.10 13.90 -10.32
C VAL C 214 -2.99 12.72 -9.99
N SER C 215 -3.96 12.47 -10.86
CA SER C 215 -4.80 11.28 -10.81
C SER C 215 -5.34 11.03 -12.20
N ALA C 216 -6.33 10.16 -12.31
CA ALA C 216 -7.02 9.90 -13.55
C ALA C 216 -8.48 10.35 -13.42
N CYS C 217 -9.21 10.22 -14.52
CA CYS C 217 -10.65 10.47 -14.51
C CYS C 217 -11.39 9.14 -14.61
N ASN C 218 -12.72 9.22 -14.57
CA ASN C 218 -13.54 8.01 -14.59
C ASN C 218 -13.87 7.54 -16.01
N ASP C 219 -12.83 7.48 -16.84
CA ASP C 219 -12.92 6.95 -18.19
C ASP C 219 -11.67 6.16 -18.56
N PHE C 220 -10.78 5.89 -17.61
CA PHE C 220 -9.43 5.45 -17.95
C PHE C 220 -9.45 3.95 -18.23
N SER C 221 -8.81 3.54 -19.32
CA SER C 221 -8.91 2.17 -19.82
C SER C 221 -7.53 1.55 -19.97
N VAL C 222 -7.21 0.59 -19.11
CA VAL C 222 -5.96 -0.15 -19.22
C VAL C 222 -6.21 -1.51 -19.88
N ARG C 223 -5.12 -2.11 -20.35
CA ARG C 223 -5.20 -3.36 -21.09
C ARG C 223 -3.83 -4.03 -21.04
N LEU C 224 -3.82 -5.35 -21.28
CA LEU C 224 -2.61 -6.15 -21.49
C LEU C 224 -1.68 -6.11 -20.27
N LEU C 225 -2.16 -6.72 -19.19
CA LEU C 225 -1.44 -6.72 -17.91
C LEU C 225 -0.13 -7.51 -17.99
N ARG C 226 0.95 -6.87 -17.56
CA ARG C 226 2.27 -7.47 -17.46
C ARG C 226 2.73 -7.43 -16.00
N ASP C 227 3.98 -7.81 -15.78
CA ASP C 227 4.66 -7.56 -14.52
C ASP C 227 5.40 -6.24 -14.57
N THR C 228 5.47 -5.55 -13.44
CA THR C 228 6.08 -4.24 -13.41
C THR C 228 7.61 -4.36 -13.42
N PRO C 229 8.31 -3.38 -14.02
CA PRO C 229 9.78 -3.43 -14.02
C PRO C 229 10.39 -2.74 -12.81
N PHE C 230 9.59 -2.47 -11.78
CA PHE C 230 10.10 -1.83 -10.58
C PHE C 230 10.56 -2.82 -9.52
N ILE C 231 10.50 -4.12 -9.80
CA ILE C 231 11.05 -5.15 -8.92
C ILE C 231 12.13 -5.89 -9.68
N THR C 232 13.29 -6.06 -9.06
CA THR C 232 14.45 -6.73 -9.65
C THR C 232 15.09 -7.70 -8.67
N GLN C 233 14.28 -8.62 -8.11
CA GLN C 233 14.83 -9.64 -7.20
C GLN C 233 15.75 -10.60 -7.94
#